data_2RMH
#
_entry.id   2RMH
#
_entity_poly.entity_id   1
_entity_poly.type   'polypeptide(L)'
_entity_poly.pdbx_seq_one_letter_code
;FTLSLDVPTNIMNLLFNIAKAKNLRAQAAANAHLMAQI
;
_entity_poly.pdbx_strand_id   A
#
# COMPACT_ATOMS: atom_id res chain seq x y z
N PHE A 1 -17.20 -1.86 -3.82
CA PHE A 1 -17.31 -2.31 -2.39
C PHE A 1 -18.68 -1.94 -1.80
N THR A 2 -19.30 -2.90 -1.12
CA THR A 2 -20.61 -2.70 -0.50
C THR A 2 -20.60 -1.56 0.51
N LEU A 3 -20.91 -0.36 0.02
CA LEU A 3 -20.94 0.85 0.86
C LEU A 3 -19.73 0.95 1.80
N SER A 4 -18.56 0.59 1.29
CA SER A 4 -17.30 0.65 2.06
C SER A 4 -17.14 -0.51 3.06
N LEU A 5 -18.15 -1.37 3.19
CA LEU A 5 -18.07 -2.51 4.11
C LEU A 5 -17.78 -3.80 3.34
N ASP A 6 -16.78 -3.73 2.46
CA ASP A 6 -16.36 -4.87 1.65
C ASP A 6 -14.89 -5.19 1.87
N VAL A 7 -14.58 -5.79 3.01
CA VAL A 7 -13.21 -6.13 3.35
C VAL A 7 -13.09 -7.60 3.78
N PRO A 8 -13.49 -8.54 2.88
CA PRO A 8 -13.41 -9.98 3.16
C PRO A 8 -11.98 -10.51 3.15
N THR A 9 -11.78 -11.71 3.67
CA THR A 9 -10.45 -12.34 3.73
C THR A 9 -9.73 -12.26 2.38
N ASN A 10 -10.46 -12.50 1.29
CA ASN A 10 -9.87 -12.45 -0.06
C ASN A 10 -9.45 -11.05 -0.44
N ILE A 11 -10.07 -10.07 0.20
CA ILE A 11 -9.78 -8.66 -0.04
C ILE A 11 -8.79 -8.14 1.01
N MET A 12 -9.07 -8.47 2.28
CA MET A 12 -8.21 -8.07 3.38
C MET A 12 -6.76 -8.43 3.10
N ASN A 13 -6.51 -9.71 2.77
CA ASN A 13 -5.16 -10.17 2.46
C ASN A 13 -4.56 -9.33 1.32
N LEU A 14 -5.35 -9.13 0.27
CA LEU A 14 -4.91 -8.33 -0.87
C LEU A 14 -4.67 -6.89 -0.44
N LEU A 15 -5.66 -6.29 0.22
CA LEU A 15 -5.54 -4.92 0.72
C LEU A 15 -4.31 -4.81 1.64
N PHE A 16 -4.19 -5.75 2.57
CA PHE A 16 -3.06 -5.79 3.50
C PHE A 16 -1.74 -5.85 2.74
N ASN A 17 -1.70 -6.67 1.68
CA ASN A 17 -0.51 -6.80 0.86
C ASN A 17 -0.27 -5.53 0.04
N ILE A 18 -1.33 -5.03 -0.60
CA ILE A 18 -1.23 -3.80 -1.39
C ILE A 18 -0.66 -2.68 -0.51
N ALA A 19 -1.35 -2.40 0.60
CA ALA A 19 -0.88 -1.38 1.53
C ALA A 19 0.56 -1.67 1.96
N LYS A 20 0.86 -2.96 2.13
CA LYS A 20 2.20 -3.40 2.52
C LYS A 20 3.23 -3.00 1.47
N ALA A 21 3.03 -3.45 0.23
CA ALA A 21 3.96 -3.13 -0.86
C ALA A 21 3.90 -1.66 -1.27
N LYS A 22 2.70 -1.07 -1.24
CA LYS A 22 2.54 0.33 -1.61
C LYS A 22 3.25 1.25 -0.63
N ASN A 23 3.10 1.00 0.67
CA ASN A 23 3.77 1.81 1.68
C ASN A 23 5.28 1.57 1.64
N LEU A 24 5.67 0.30 1.44
CA LEU A 24 7.09 -0.05 1.36
C LEU A 24 7.78 0.77 0.29
N ARG A 25 7.23 0.70 -0.91
CA ARG A 25 7.74 1.44 -2.06
C ARG A 25 7.53 2.95 -1.92
N ALA A 26 6.49 3.34 -1.17
CA ALA A 26 6.20 4.75 -0.96
C ALA A 26 7.26 5.39 -0.07
N GLN A 27 7.54 4.73 1.05
CA GLN A 27 8.57 5.24 1.98
C GLN A 27 9.98 4.87 1.51
N ALA A 28 10.08 4.14 0.41
CA ALA A 28 11.38 3.75 -0.13
C ALA A 28 11.71 4.60 -1.35
N ALA A 29 10.78 4.65 -2.31
CA ALA A 29 10.98 5.43 -3.53
C ALA A 29 10.50 6.88 -3.40
N ALA A 30 9.69 7.20 -2.39
CA ALA A 30 9.17 8.56 -2.23
C ALA A 30 9.70 9.27 -0.97
N ASN A 31 10.57 8.62 -0.21
CA ASN A 31 11.11 9.22 1.02
C ASN A 31 12.43 9.96 0.75
N ALA A 32 13.41 9.27 0.18
CA ALA A 32 14.70 9.90 -0.11
C ALA A 32 14.89 10.15 -1.60
N HIS A 33 13.82 9.97 -2.39
CA HIS A 33 13.85 10.16 -3.85
C HIS A 33 15.09 9.53 -4.51
N LEU A 34 15.66 8.52 -3.85
CA LEU A 34 16.84 7.80 -4.36
C LEU A 34 17.16 6.55 -3.51
N MET A 35 16.16 6.03 -2.78
CA MET A 35 16.33 4.86 -1.94
C MET A 35 15.94 3.57 -2.70
N ALA A 36 15.46 3.74 -3.93
CA ALA A 36 15.06 2.60 -4.76
C ALA A 36 15.82 2.59 -6.09
N GLN A 37 17.11 2.91 -6.03
CA GLN A 37 17.96 2.95 -7.22
C GLN A 37 18.92 1.77 -7.25
N ILE A 38 19.72 1.62 -6.18
CA ILE A 38 20.71 0.55 -6.05
C ILE A 38 21.49 0.31 -7.36
N PHE A 1 -11.74 -1.79 -5.59
CA PHE A 1 -11.09 -1.40 -4.30
C PHE A 1 -11.97 -1.76 -3.09
N THR A 2 -11.33 -1.93 -1.93
CA THR A 2 -12.05 -2.28 -0.70
C THR A 2 -12.78 -1.06 -0.12
N LEU A 3 -13.89 -0.69 -0.76
CA LEU A 3 -14.68 0.46 -0.32
C LEU A 3 -16.17 0.10 -0.21
N SER A 4 -16.97 1.02 0.33
CA SER A 4 -18.41 0.80 0.49
C SER A 4 -18.70 -0.41 1.39
N LEU A 5 -17.96 -0.52 2.50
CA LEU A 5 -18.13 -1.62 3.44
C LEU A 5 -17.81 -2.99 2.81
N ASP A 6 -16.69 -3.06 2.08
CA ASP A 6 -16.27 -4.29 1.44
C ASP A 6 -14.82 -4.62 1.80
N VAL A 7 -14.65 -5.18 2.99
CA VAL A 7 -13.32 -5.55 3.49
C VAL A 7 -13.28 -7.01 3.98
N PRO A 8 -13.68 -7.97 3.11
CA PRO A 8 -13.68 -9.40 3.46
C PRO A 8 -12.28 -10.00 3.46
N THR A 9 -12.15 -11.21 4.01
CA THR A 9 -10.86 -11.92 4.07
C THR A 9 -10.15 -11.90 2.72
N ASN A 10 -10.86 -12.34 1.68
CA ASN A 10 -10.31 -12.37 0.32
C ASN A 10 -9.70 -11.04 -0.07
N ILE A 11 -10.37 -9.99 0.34
CA ILE A 11 -9.92 -8.63 0.08
C ILE A 11 -8.88 -8.21 1.10
N MET A 12 -9.15 -8.48 2.37
CA MET A 12 -8.23 -8.15 3.45
C MET A 12 -6.84 -8.73 3.15
N ASN A 13 -6.81 -10.01 2.75
CA ASN A 13 -5.54 -10.67 2.42
C ASN A 13 -4.78 -9.89 1.35
N LEU A 14 -5.45 -9.58 0.25
CA LEU A 14 -4.81 -8.81 -0.82
C LEU A 14 -4.56 -7.37 -0.38
N LEU A 15 -5.57 -6.77 0.27
CA LEU A 15 -5.46 -5.40 0.77
C LEU A 15 -4.28 -5.28 1.73
N PHE A 16 -4.22 -6.20 2.69
CA PHE A 16 -3.14 -6.23 3.69
C PHE A 16 -1.79 -6.31 2.99
N ASN A 17 -1.72 -7.14 1.95
CA ASN A 17 -0.48 -7.32 1.20
C ASN A 17 -0.21 -6.12 0.30
N ILE A 18 -1.22 -5.67 -0.44
CA ILE A 18 -1.08 -4.53 -1.33
C ILE A 18 -0.50 -3.35 -0.56
N ALA A 19 -1.19 -2.91 0.50
CA ALA A 19 -0.71 -1.81 1.33
C ALA A 19 0.69 -2.11 1.85
N LYS A 20 0.93 -3.38 2.18
CA LYS A 20 2.24 -3.82 2.68
C LYS A 20 3.34 -3.58 1.65
N ALA A 21 3.13 -4.03 0.42
CA ALA A 21 4.11 -3.85 -0.64
C ALA A 21 4.08 -2.42 -1.20
N LYS A 22 2.89 -1.83 -1.27
CA LYS A 22 2.74 -0.48 -1.78
C LYS A 22 3.45 0.54 -0.89
N ASN A 23 3.27 0.40 0.43
CA ASN A 23 3.92 1.33 1.37
C ASN A 23 5.44 1.18 1.31
N LEU A 24 5.92 -0.07 1.21
CA LEU A 24 7.37 -0.33 1.12
C LEU A 24 8.02 0.49 0.02
N ARG A 25 7.48 0.34 -1.18
CA ARG A 25 7.99 1.05 -2.36
C ARG A 25 7.70 2.55 -2.29
N ALA A 26 6.62 2.92 -1.60
CA ALA A 26 6.26 4.33 -1.46
C ALA A 26 7.27 5.03 -0.56
N GLN A 27 7.50 4.44 0.61
CA GLN A 27 8.45 5.00 1.58
C GLN A 27 9.90 4.83 1.11
N ALA A 28 10.12 3.84 0.27
CA ALA A 28 11.45 3.57 -0.27
C ALA A 28 11.74 4.47 -1.47
N ALA A 29 10.82 4.50 -2.43
CA ALA A 29 10.98 5.33 -3.63
C ALA A 29 10.88 6.82 -3.31
N ALA A 30 10.00 7.19 -2.38
CA ALA A 30 9.83 8.60 -2.01
C ALA A 30 11.03 9.18 -1.29
N ASN A 31 11.44 8.53 -0.23
CA ASN A 31 12.58 8.97 0.57
C ASN A 31 13.86 9.02 -0.28
N ALA A 32 14.03 8.02 -1.15
CA ALA A 32 15.21 7.95 -2.02
C ALA A 32 15.32 9.19 -2.91
N HIS A 33 14.18 9.83 -3.17
CA HIS A 33 14.13 11.02 -4.00
C HIS A 33 14.51 12.27 -3.20
N LEU A 34 13.86 12.46 -2.05
CA LEU A 34 14.14 13.62 -1.19
C LEU A 34 15.52 13.51 -0.53
N MET A 35 15.94 12.28 -0.28
CA MET A 35 17.26 12.02 0.34
C MET A 35 18.39 12.26 -0.66
N ALA A 36 18.07 12.13 -1.95
CA ALA A 36 19.03 12.33 -3.02
C ALA A 36 18.74 13.63 -3.78
N GLN A 37 18.23 14.64 -3.06
CA GLN A 37 17.91 15.93 -3.67
C GLN A 37 19.17 16.69 -4.10
N ILE A 38 20.23 16.59 -3.29
CA ILE A 38 21.50 17.26 -3.58
C ILE A 38 22.67 16.28 -3.48
N PHE A 1 -21.48 2.43 -6.79
CA PHE A 1 -21.19 3.43 -5.73
C PHE A 1 -21.78 2.99 -4.39
N THR A 2 -21.17 3.45 -3.29
CA THR A 2 -21.63 3.10 -1.94
C THR A 2 -21.27 1.66 -1.58
N LEU A 3 -20.78 1.46 -0.36
CA LEU A 3 -20.39 0.13 0.11
C LEU A 3 -21.37 -0.37 1.19
N SER A 4 -21.15 -1.59 1.66
CA SER A 4 -22.01 -2.19 2.69
C SER A 4 -21.30 -3.35 3.40
N LEU A 5 -20.17 -3.04 4.03
CA LEU A 5 -19.38 -4.04 4.75
C LEU A 5 -18.92 -5.17 3.82
N ASP A 6 -18.60 -4.81 2.59
CA ASP A 6 -18.14 -5.77 1.60
C ASP A 6 -16.61 -5.92 1.63
N VAL A 7 -16.13 -6.37 2.78
CA VAL A 7 -14.69 -6.56 2.98
C VAL A 7 -14.34 -8.03 3.17
N PRO A 8 -14.05 -8.75 2.06
CA PRO A 8 -13.70 -10.17 2.11
C PRO A 8 -12.21 -10.40 2.38
N THR A 9 -11.88 -11.59 2.90
CA THR A 9 -10.49 -11.95 3.19
C THR A 9 -9.59 -11.74 1.97
N ASN A 10 -10.06 -12.22 0.82
CA ASN A 10 -9.30 -12.09 -0.43
C ASN A 10 -8.93 -10.63 -0.72
N ILE A 11 -9.75 -9.73 -0.21
CA ILE A 11 -9.52 -8.30 -0.38
C ILE A 11 -8.67 -7.77 0.78
N MET A 12 -9.04 -8.16 2.01
CA MET A 12 -8.30 -7.75 3.20
C MET A 12 -6.83 -8.13 3.09
N ASN A 13 -6.57 -9.41 2.76
CA ASN A 13 -5.21 -9.89 2.59
C ASN A 13 -4.46 -9.05 1.56
N LEU A 14 -5.16 -8.71 0.47
CA LEU A 14 -4.58 -7.88 -0.59
C LEU A 14 -4.37 -6.46 -0.08
N LEU A 15 -5.43 -5.85 0.44
CA LEU A 15 -5.36 -4.49 0.97
C LEU A 15 -4.23 -4.38 1.99
N PHE A 16 -4.17 -5.33 2.91
CA PHE A 16 -3.12 -5.36 3.93
C PHE A 16 -1.74 -5.36 3.28
N ASN A 17 -1.58 -6.15 2.22
CA ASN A 17 -0.31 -6.23 1.51
C ASN A 17 -0.09 -4.99 0.65
N ILE A 18 -1.13 -4.58 -0.09
CA ILE A 18 -1.04 -3.38 -0.93
C ILE A 18 -0.47 -2.23 -0.13
N ALA A 19 -1.17 -1.84 0.94
CA ALA A 19 -0.69 -0.78 1.81
C ALA A 19 0.73 -1.09 2.29
N LYS A 20 0.98 -2.38 2.60
CA LYS A 20 2.29 -2.83 3.05
C LYS A 20 3.38 -2.49 2.04
N ALA A 21 3.18 -2.94 0.80
CA ALA A 21 4.15 -2.67 -0.26
C ALA A 21 4.08 -1.22 -0.74
N LYS A 22 2.87 -0.67 -0.78
CA LYS A 22 2.67 0.71 -1.20
C LYS A 22 3.50 1.64 -0.34
N ASN A 23 3.47 1.41 0.98
CA ASN A 23 4.27 2.24 1.90
C ASN A 23 5.74 1.81 1.82
N LEU A 24 5.98 0.50 1.77
CA LEU A 24 7.34 -0.03 1.67
C LEU A 24 8.07 0.52 0.45
N ARG A 25 7.44 0.38 -0.70
CA ARG A 25 8.01 0.87 -1.96
C ARG A 25 8.12 2.39 -1.97
N ALA A 26 7.12 3.06 -1.40
CA ALA A 26 7.12 4.52 -1.34
C ALA A 26 8.20 5.02 -0.39
N GLN A 27 8.33 4.37 0.76
CA GLN A 27 9.33 4.79 1.73
C GLN A 27 10.74 4.31 1.34
N ALA A 28 10.81 3.33 0.46
CA ALA A 28 12.11 2.82 0.01
C ALA A 28 12.53 3.44 -1.32
N ALA A 29 11.61 3.44 -2.28
CA ALA A 29 11.90 4.00 -3.61
C ALA A 29 11.37 5.44 -3.77
N ALA A 30 10.66 5.97 -2.77
CA ALA A 30 10.12 7.32 -2.86
C ALA A 30 10.55 8.24 -1.72
N ASN A 31 11.24 7.70 -0.73
CA ASN A 31 11.69 8.50 0.41
C ASN A 31 13.04 9.17 0.15
N ALA A 32 14.09 8.37 -0.01
CA ALA A 32 15.43 8.89 -0.25
C ALA A 32 15.69 9.20 -1.74
N HIS A 33 14.68 9.06 -2.59
CA HIS A 33 14.84 9.32 -4.02
C HIS A 33 14.12 10.62 -4.43
N LEU A 34 12.79 10.64 -4.30
CA LEU A 34 12.00 11.82 -4.67
C LEU A 34 12.50 13.09 -3.97
N MET A 35 13.05 12.89 -2.78
CA MET A 35 13.60 14.01 -1.99
C MET A 35 14.70 14.76 -2.75
N ALA A 36 15.30 14.08 -3.72
CA ALA A 36 16.36 14.67 -4.53
C ALA A 36 15.83 15.21 -5.88
N GLN A 37 14.49 15.30 -5.99
CA GLN A 37 13.86 15.78 -7.22
C GLN A 37 12.77 16.82 -6.89
N ILE A 38 11.82 16.42 -6.04
CA ILE A 38 10.71 17.28 -5.63
C ILE A 38 9.61 17.34 -6.71
N PHE A 1 -21.70 1.82 -7.11
CA PHE A 1 -22.46 1.00 -6.12
C PHE A 1 -21.56 0.59 -4.95
N THR A 2 -22.17 0.26 -3.80
CA THR A 2 -21.43 -0.15 -2.60
C THR A 2 -20.74 1.04 -1.94
N LEU A 3 -20.85 1.11 -0.60
CA LEU A 3 -20.24 2.21 0.15
C LEU A 3 -19.06 1.72 1.01
N SER A 4 -18.14 1.00 0.37
CA SER A 4 -16.95 0.48 1.07
C SER A 4 -17.36 -0.44 2.23
N LEU A 5 -18.26 -1.37 1.95
CA LEU A 5 -18.74 -2.32 2.96
C LEU A 5 -18.51 -3.77 2.53
N ASP A 6 -17.25 -4.10 2.25
CA ASP A 6 -16.87 -5.46 1.85
C ASP A 6 -15.37 -5.70 2.04
N VAL A 7 -15.03 -6.28 3.18
CA VAL A 7 -13.65 -6.58 3.51
C VAL A 7 -13.46 -8.07 3.80
N PRO A 8 -13.72 -8.93 2.80
CA PRO A 8 -13.58 -10.39 2.95
C PRO A 8 -12.13 -10.82 3.10
N THR A 9 -11.92 -12.07 3.52
CA THR A 9 -10.58 -12.62 3.70
C THR A 9 -9.69 -12.33 2.50
N ASN A 10 -10.20 -12.62 1.31
CA ASN A 10 -9.46 -12.38 0.07
C ASN A 10 -9.04 -10.92 -0.04
N ILE A 11 -10.01 -10.06 0.08
CA ILE A 11 -9.80 -8.62 0.01
C ILE A 11 -8.90 -8.16 1.16
N MET A 12 -9.20 -8.62 2.38
CA MET A 12 -8.39 -8.27 3.55
C MET A 12 -6.93 -8.60 3.30
N ASN A 13 -6.67 -9.85 2.90
CA ASN A 13 -5.31 -10.30 2.61
C ASN A 13 -4.68 -9.43 1.52
N LEU A 14 -5.44 -9.18 0.46
CA LEU A 14 -4.97 -8.35 -0.65
C LEU A 14 -4.73 -6.91 -0.19
N LEU A 15 -5.74 -6.32 0.48
CA LEU A 15 -5.62 -4.95 0.99
C LEU A 15 -4.41 -4.84 1.90
N PHE A 16 -4.27 -5.80 2.83
CA PHE A 16 -3.15 -5.83 3.76
C PHE A 16 -1.83 -5.83 2.99
N ASN A 17 -1.77 -6.64 1.93
CA ASN A 17 -0.57 -6.72 1.11
C ASN A 17 -0.37 -5.43 0.32
N ILE A 18 -1.45 -4.92 -0.26
CA ILE A 18 -1.40 -3.67 -1.02
C ILE A 18 -0.84 -2.57 -0.13
N ALA A 19 -1.51 -2.29 0.98
CA ALA A 19 -1.04 -1.28 1.92
C ALA A 19 0.41 -1.54 2.33
N LYS A 20 0.75 -2.83 2.44
CA LYS A 20 2.11 -3.24 2.80
C LYS A 20 3.11 -2.87 1.70
N ALA A 21 2.82 -3.25 0.47
CA ALA A 21 3.70 -2.96 -0.65
C ALA A 21 3.60 -1.48 -1.08
N LYS A 22 2.40 -0.91 -1.00
CA LYS A 22 2.17 0.48 -1.38
C LYS A 22 2.96 1.41 -0.48
N ASN A 23 2.92 1.17 0.83
CA ASN A 23 3.67 2.00 1.78
C ASN A 23 5.18 1.79 1.61
N LEU A 24 5.58 0.52 1.44
CA LEU A 24 6.99 0.19 1.25
C LEU A 24 7.57 0.95 0.07
N ARG A 25 6.93 0.79 -1.07
CA ARG A 25 7.34 1.45 -2.31
C ARG A 25 7.31 2.96 -2.17
N ALA A 26 6.27 3.51 -1.55
CA ALA A 26 6.15 4.95 -1.36
C ALA A 26 7.26 5.44 -0.43
N GLN A 27 7.46 4.71 0.66
CA GLN A 27 8.49 5.04 1.64
C GLN A 27 9.90 4.85 1.07
N ALA A 28 10.06 3.82 0.29
CA ALA A 28 11.35 3.52 -0.33
C ALA A 28 11.59 4.47 -1.50
N ALA A 29 10.63 4.54 -2.41
CA ALA A 29 10.73 5.42 -3.57
C ALA A 29 10.87 6.89 -3.16
N ALA A 30 10.12 7.32 -2.15
CA ALA A 30 10.17 8.70 -1.68
C ALA A 30 11.48 8.99 -0.95
N ASN A 31 11.87 8.07 -0.09
CA ASN A 31 13.09 8.20 0.69
C ASN A 31 14.34 8.08 -0.21
N ALA A 32 14.35 7.08 -1.08
CA ALA A 32 15.50 6.86 -1.98
C ALA A 32 15.37 7.68 -3.28
N HIS A 33 14.87 8.92 -3.16
CA HIS A 33 14.71 9.79 -4.32
C HIS A 33 15.65 10.99 -4.24
N LEU A 34 15.56 11.75 -3.14
CA LEU A 34 16.41 12.93 -2.94
C LEU A 34 17.41 12.72 -1.82
N MET A 35 17.02 11.97 -0.81
CA MET A 35 17.88 11.69 0.36
C MET A 35 19.24 11.12 -0.06
N ALA A 36 19.24 10.40 -1.16
CA ALA A 36 20.46 9.79 -1.70
C ALA A 36 20.93 10.52 -2.97
N GLN A 37 20.54 11.78 -3.11
CA GLN A 37 20.90 12.58 -4.28
C GLN A 37 21.61 13.88 -3.88
N ILE A 38 20.98 14.65 -2.98
CA ILE A 38 21.54 15.91 -2.50
C ILE A 38 21.40 16.04 -0.99
N PHE A 1 -18.97 -13.18 -5.35
CA PHE A 1 -18.31 -13.18 -4.01
C PHE A 1 -18.14 -11.76 -3.47
N THR A 2 -18.11 -11.62 -2.14
CA THR A 2 -17.96 -10.31 -1.48
C THR A 2 -19.24 -9.48 -1.59
N LEU A 3 -19.69 -8.94 -0.45
CA LEU A 3 -20.89 -8.11 -0.42
C LEU A 3 -20.64 -6.78 0.30
N SER A 4 -21.13 -5.69 -0.29
CA SER A 4 -20.95 -4.34 0.27
C SER A 4 -19.50 -4.04 0.64
N LEU A 5 -18.57 -4.78 0.01
CA LEU A 5 -17.13 -4.60 0.27
C LEU A 5 -16.83 -4.52 1.78
N ASP A 6 -17.55 -5.33 2.56
CA ASP A 6 -17.39 -5.36 4.01
C ASP A 6 -16.05 -5.98 4.43
N VAL A 7 -14.96 -5.41 3.91
CA VAL A 7 -13.59 -5.86 4.20
C VAL A 7 -13.49 -7.38 4.39
N PRO A 8 -13.87 -8.16 3.34
CA PRO A 8 -13.82 -9.62 3.39
C PRO A 8 -12.39 -10.17 3.40
N THR A 9 -12.26 -11.46 3.71
CA THR A 9 -10.95 -12.12 3.75
C THR A 9 -10.19 -11.92 2.44
N ASN A 10 -10.90 -11.99 1.31
CA ASN A 10 -10.29 -11.82 -0.01
C ASN A 10 -9.89 -10.37 -0.27
N ILE A 11 -10.35 -9.46 0.58
CA ILE A 11 -10.03 -8.05 0.46
C ILE A 11 -9.01 -7.65 1.52
N MET A 12 -9.26 -8.07 2.76
CA MET A 12 -8.35 -7.77 3.86
C MET A 12 -6.92 -8.17 3.51
N ASN A 13 -6.76 -9.41 3.05
CA ASN A 13 -5.43 -9.90 2.66
C ASN A 13 -4.85 -9.07 1.51
N LEU A 14 -5.66 -8.85 0.48
CA LEU A 14 -5.23 -8.06 -0.67
C LEU A 14 -4.91 -6.63 -0.24
N LEU A 15 -5.80 -6.04 0.58
CA LEU A 15 -5.58 -4.69 1.08
C LEU A 15 -4.30 -4.63 1.91
N PHE A 16 -4.18 -5.57 2.86
CA PHE A 16 -3.00 -5.64 3.72
C PHE A 16 -1.73 -5.83 2.89
N ASN A 17 -1.82 -6.65 1.84
CA ASN A 17 -0.67 -6.90 0.97
C ASN A 17 -0.39 -5.69 0.09
N ILE A 18 -1.44 -5.13 -0.51
CA ILE A 18 -1.29 -3.94 -1.37
C ILE A 18 -0.63 -2.83 -0.57
N ALA A 19 -1.24 -2.44 0.55
CA ALA A 19 -0.67 -1.40 1.41
C ALA A 19 0.77 -1.76 1.78
N LYS A 20 1.01 -3.06 1.98
CA LYS A 20 2.34 -3.56 2.32
C LYS A 20 3.35 -3.17 1.25
N ALA A 21 3.16 -3.67 0.04
CA ALA A 21 4.07 -3.37 -1.07
C ALA A 21 3.99 -1.91 -1.51
N LYS A 22 2.78 -1.34 -1.49
CA LYS A 22 2.60 0.06 -1.90
C LYS A 22 3.37 0.99 -0.96
N ASN A 23 3.32 0.72 0.34
CA ASN A 23 4.02 1.55 1.31
C ASN A 23 5.53 1.28 1.30
N LEU A 24 5.91 0.01 1.29
CA LEU A 24 7.35 -0.36 1.29
C LEU A 24 8.09 0.29 0.13
N ARG A 25 7.45 0.33 -1.02
CA ARG A 25 8.04 0.91 -2.22
C ARG A 25 7.92 2.44 -2.24
N ALA A 26 6.75 2.95 -1.91
CA ALA A 26 6.55 4.41 -1.89
C ALA A 26 7.44 5.05 -0.82
N GLN A 27 7.53 4.38 0.33
CA GLN A 27 8.35 4.88 1.43
C GLN A 27 9.84 4.73 1.15
N ALA A 28 10.19 3.72 0.38
CA ALA A 28 11.58 3.47 0.02
C ALA A 28 11.96 4.31 -1.21
N ALA A 29 11.14 4.22 -2.26
CA ALA A 29 11.38 4.95 -3.50
C ALA A 29 11.33 6.48 -3.29
N ALA A 30 10.46 6.95 -2.38
CA ALA A 30 10.33 8.39 -2.14
C ALA A 30 11.44 8.94 -1.26
N ASN A 31 11.63 8.32 -0.11
CA ASN A 31 12.66 8.73 0.84
C ASN A 31 14.06 8.66 0.23
N ALA A 32 14.27 7.70 -0.67
CA ALA A 32 15.56 7.52 -1.32
C ALA A 32 15.81 8.53 -2.46
N HIS A 33 14.84 9.42 -2.70
CA HIS A 33 14.98 10.41 -3.77
C HIS A 33 14.67 11.83 -3.27
N LEU A 34 13.47 12.03 -2.73
CA LEU A 34 13.06 13.34 -2.22
C LEU A 34 13.91 13.78 -1.04
N MET A 35 14.11 12.86 -0.11
CA MET A 35 14.91 13.10 1.09
C MET A 35 16.38 13.28 0.75
N ALA A 36 16.80 12.74 -0.38
CA ALA A 36 18.18 12.84 -0.84
C ALA A 36 18.37 13.96 -1.87
N GLN A 37 17.29 14.66 -2.21
CA GLN A 37 17.34 15.74 -3.19
C GLN A 37 17.51 17.10 -2.49
N ILE A 38 16.68 17.35 -1.47
CA ILE A 38 16.70 18.60 -0.71
C ILE A 38 15.94 19.72 -1.43
N PHE A 1 -25.84 -6.80 -8.86
CA PHE A 1 -25.58 -6.37 -7.45
C PHE A 1 -25.29 -7.58 -6.56
N THR A 2 -24.55 -7.36 -5.48
CA THR A 2 -24.20 -8.43 -4.54
C THR A 2 -23.91 -7.87 -3.15
N LEU A 3 -24.75 -8.24 -2.18
CA LEU A 3 -24.58 -7.78 -0.80
C LEU A 3 -23.42 -8.52 -0.12
N SER A 4 -22.21 -8.34 -0.65
CA SER A 4 -21.03 -8.99 -0.10
C SER A 4 -19.80 -8.08 -0.21
N LEU A 5 -19.92 -6.85 0.28
CA LEU A 5 -18.80 -5.90 0.23
C LEU A 5 -18.37 -5.47 1.64
N ASP A 6 -18.44 -6.41 2.58
CA ASP A 6 -18.03 -6.15 3.95
C ASP A 6 -16.56 -6.54 4.17
N VAL A 7 -15.68 -5.84 3.43
CA VAL A 7 -14.23 -6.05 3.49
C VAL A 7 -13.85 -7.48 3.93
N PRO A 8 -14.08 -8.46 3.05
CA PRO A 8 -13.76 -9.88 3.33
C PRO A 8 -12.27 -10.19 3.24
N THR A 9 -11.90 -11.42 3.62
CA THR A 9 -10.50 -11.87 3.59
C THR A 9 -9.84 -11.56 2.25
N ASN A 10 -10.53 -11.87 1.16
CA ASN A 10 -10.00 -11.62 -0.19
C ASN A 10 -9.56 -10.17 -0.35
N ILE A 11 -10.29 -9.30 0.29
CA ILE A 11 -10.01 -7.87 0.29
C ILE A 11 -8.96 -7.54 1.33
N MET A 12 -9.18 -8.02 2.57
CA MET A 12 -8.24 -7.79 3.66
C MET A 12 -6.83 -8.25 3.26
N ASN A 13 -6.74 -9.45 2.68
CA ASN A 13 -5.46 -9.99 2.23
C ASN A 13 -4.80 -9.05 1.23
N LEU A 14 -5.57 -8.60 0.23
CA LEU A 14 -5.05 -7.68 -0.77
C LEU A 14 -4.74 -6.33 -0.14
N LEU A 15 -5.63 -5.85 0.74
CA LEU A 15 -5.42 -4.58 1.42
C LEU A 15 -4.15 -4.63 2.26
N PHE A 16 -3.99 -5.72 3.03
CA PHE A 16 -2.81 -5.90 3.87
C PHE A 16 -1.54 -5.82 3.04
N ASN A 17 -1.54 -6.46 1.88
CA ASN A 17 -0.37 -6.47 0.99
C ASN A 17 -0.23 -5.13 0.27
N ILE A 18 -1.34 -4.62 -0.27
CA ILE A 18 -1.32 -3.33 -0.97
C ILE A 18 -0.66 -2.28 -0.09
N ALA A 19 -1.23 -2.05 1.10
CA ALA A 19 -0.65 -1.09 2.05
C ALA A 19 0.81 -1.44 2.32
N LYS A 20 1.09 -2.74 2.39
CA LYS A 20 2.44 -3.25 2.63
C LYS A 20 3.40 -2.74 1.56
N ALA A 21 3.13 -3.11 0.30
CA ALA A 21 3.98 -2.70 -0.81
C ALA A 21 3.86 -1.19 -1.09
N LYS A 22 2.65 -0.64 -0.95
CA LYS A 22 2.45 0.79 -1.18
C LYS A 22 3.27 1.62 -0.22
N ASN A 23 3.26 1.25 1.05
CA ASN A 23 4.04 1.97 2.05
C ASN A 23 5.53 1.67 1.87
N LEU A 24 5.85 0.40 1.63
CA LEU A 24 7.24 -0.03 1.42
C LEU A 24 7.87 0.66 0.22
N ARG A 25 7.21 0.58 -0.92
CA ARG A 25 7.70 1.20 -2.15
C ARG A 25 7.67 2.72 -2.07
N ALA A 26 6.60 3.28 -1.50
CA ALA A 26 6.50 4.73 -1.37
C ALA A 26 7.57 5.25 -0.42
N GLN A 27 7.78 4.51 0.67
CA GLN A 27 8.79 4.88 1.66
C GLN A 27 10.20 4.65 1.14
N ALA A 28 10.37 3.59 0.37
CA ALA A 28 11.67 3.26 -0.21
C ALA A 28 11.96 4.19 -1.39
N ALA A 29 11.02 4.24 -2.33
CA ALA A 29 11.17 5.09 -3.51
C ALA A 29 11.30 6.58 -3.13
N ALA A 30 10.48 7.05 -2.20
CA ALA A 30 10.53 8.45 -1.78
C ALA A 30 11.85 8.79 -1.11
N ASN A 31 12.19 8.00 -0.12
CA ASN A 31 13.43 8.18 0.63
C ASN A 31 14.65 8.04 -0.28
N ALA A 32 14.64 7.02 -1.14
CA ALA A 32 15.75 6.78 -2.07
C ALA A 32 15.54 7.52 -3.40
N HIS A 33 15.05 8.77 -3.34
CA HIS A 33 14.82 9.55 -4.55
C HIS A 33 14.71 11.05 -4.26
N LEU A 34 13.80 11.43 -3.34
CA LEU A 34 13.61 12.84 -2.99
C LEU A 34 14.60 13.35 -1.95
N MET A 35 15.43 12.45 -1.41
CA MET A 35 16.43 12.82 -0.40
C MET A 35 17.43 13.85 -0.94
N ALA A 36 17.55 13.93 -2.25
CA ALA A 36 18.47 14.88 -2.89
C ALA A 36 17.88 15.42 -4.21
N GLN A 37 16.65 15.92 -4.14
CA GLN A 37 15.98 16.46 -5.33
C GLN A 37 16.15 17.99 -5.43
N ILE A 38 16.13 18.67 -4.29
CA ILE A 38 16.28 20.13 -4.26
C ILE A 38 17.19 20.56 -3.11
N PHE A 1 -19.29 -3.64 -6.28
CA PHE A 1 -19.06 -4.83 -7.17
C PHE A 1 -18.35 -5.95 -6.42
N THR A 2 -18.34 -7.15 -7.02
CA THR A 2 -17.71 -8.33 -6.41
C THR A 2 -18.16 -8.53 -4.96
N LEU A 3 -19.44 -8.86 -4.78
CA LEU A 3 -20.02 -9.08 -3.46
C LEU A 3 -20.05 -7.79 -2.64
N SER A 4 -20.55 -7.87 -1.40
CA SER A 4 -20.62 -6.70 -0.53
C SER A 4 -20.63 -7.12 0.95
N LEU A 5 -19.61 -7.88 1.35
CA LEU A 5 -19.50 -8.36 2.73
C LEU A 5 -18.39 -7.60 3.50
N ASP A 6 -18.43 -6.27 3.40
CA ASP A 6 -17.47 -5.39 4.08
C ASP A 6 -16.02 -5.88 3.92
N VAL A 7 -15.36 -5.43 2.85
CA VAL A 7 -13.96 -5.80 2.58
C VAL A 7 -13.68 -7.28 2.88
N PRO A 8 -14.12 -8.19 1.99
CA PRO A 8 -13.93 -9.64 2.16
C PRO A 8 -12.48 -10.03 2.44
N THR A 9 -12.29 -11.18 3.08
CA THR A 9 -10.95 -11.67 3.43
C THR A 9 -10.00 -11.58 2.25
N ASN A 10 -10.43 -12.10 1.09
CA ASN A 10 -9.60 -12.09 -0.12
C ASN A 10 -9.20 -10.67 -0.50
N ILE A 11 -10.04 -9.72 -0.16
CA ILE A 11 -9.78 -8.32 -0.44
C ILE A 11 -9.02 -7.67 0.72
N MET A 12 -9.50 -7.90 1.95
CA MET A 12 -8.86 -7.37 3.14
C MET A 12 -7.38 -7.79 3.18
N ASN A 13 -7.13 -9.08 2.98
CA ASN A 13 -5.77 -9.60 2.96
C ASN A 13 -4.95 -8.88 1.89
N LEU A 14 -5.53 -8.74 0.71
CA LEU A 14 -4.87 -8.05 -0.39
C LEU A 14 -4.59 -6.60 0.00
N LEU A 15 -5.63 -5.88 0.42
CA LEU A 15 -5.49 -4.49 0.85
C LEU A 15 -4.39 -4.37 1.90
N PHE A 16 -4.42 -5.27 2.90
CA PHE A 16 -3.41 -5.29 3.96
C PHE A 16 -2.01 -5.34 3.36
N ASN A 17 -1.82 -6.20 2.35
CA ASN A 17 -0.52 -6.32 1.69
C ASN A 17 -0.28 -5.13 0.77
N ILE A 18 -1.32 -4.73 0.02
CA ILE A 18 -1.22 -3.58 -0.88
C ILE A 18 -0.63 -2.40 -0.12
N ALA A 19 -1.31 -1.99 0.96
CA ALA A 19 -0.82 -0.90 1.79
C ALA A 19 0.61 -1.21 2.23
N LYS A 20 0.81 -2.43 2.73
CA LYS A 20 2.12 -2.91 3.17
C LYS A 20 3.20 -2.65 2.12
N ALA A 21 2.93 -3.07 0.88
CA ALA A 21 3.87 -2.90 -0.22
C ALA A 21 3.84 -1.46 -0.74
N LYS A 22 2.66 -0.86 -0.79
CA LYS A 22 2.49 0.51 -1.25
C LYS A 22 3.32 1.47 -0.40
N ASN A 23 3.29 1.25 0.92
CA ASN A 23 4.06 2.11 1.82
C ASN A 23 5.56 1.87 1.62
N LEU A 24 5.94 0.61 1.39
CA LEU A 24 7.33 0.25 1.17
C LEU A 24 7.92 0.99 -0.03
N ARG A 25 7.32 0.76 -1.18
CA ARG A 25 7.76 1.39 -2.42
C ARG A 25 7.66 2.91 -2.34
N ALA A 26 6.59 3.44 -1.74
CA ALA A 26 6.45 4.89 -1.60
C ALA A 26 7.49 5.44 -0.65
N GLN A 27 7.76 4.72 0.43
CA GLN A 27 8.75 5.12 1.41
C GLN A 27 10.16 4.98 0.85
N ALA A 28 10.38 3.91 0.12
CA ALA A 28 11.68 3.63 -0.49
C ALA A 28 11.89 4.50 -1.73
N ALA A 29 10.91 4.52 -2.61
CA ALA A 29 10.99 5.33 -3.84
C ALA A 29 11.03 6.83 -3.56
N ALA A 30 10.69 7.24 -2.33
CA ALA A 30 10.70 8.65 -1.96
C ALA A 30 11.95 9.01 -1.17
N ASN A 31 12.18 8.29 -0.09
CA ASN A 31 13.33 8.50 0.77
C ASN A 31 14.64 8.17 0.04
N ALA A 32 14.69 6.99 -0.56
CA ALA A 32 15.88 6.55 -1.29
C ALA A 32 15.83 7.01 -2.76
N HIS A 33 15.41 8.25 -2.97
CA HIS A 33 15.30 8.80 -4.32
C HIS A 33 15.56 10.31 -4.33
N LEU A 34 14.72 11.06 -3.62
CA LEU A 34 14.87 12.52 -3.55
C LEU A 34 15.99 12.96 -2.62
N MET A 35 16.30 12.11 -1.64
CA MET A 35 17.37 12.41 -0.67
C MET A 35 18.69 12.78 -1.34
N ALA A 36 18.89 12.31 -2.57
CA ALA A 36 20.10 12.61 -3.33
C ALA A 36 19.91 13.83 -4.25
N GLN A 37 18.78 14.52 -4.11
CA GLN A 37 18.50 15.69 -4.94
C GLN A 37 18.05 16.89 -4.09
N ILE A 38 17.12 16.65 -3.15
CA ILE A 38 16.62 17.71 -2.29
C ILE A 38 15.99 17.15 -1.01
N PHE A 1 -20.24 4.05 -5.85
CA PHE A 1 -18.96 3.31 -5.60
C PHE A 1 -19.14 2.21 -4.55
N THR A 2 -18.17 1.31 -4.47
CA THR A 2 -18.21 0.20 -3.52
C THR A 2 -17.69 0.63 -2.15
N LEU A 3 -18.59 1.16 -1.31
CA LEU A 3 -18.23 1.63 0.02
C LEU A 3 -19.36 1.36 1.03
N SER A 4 -19.71 0.08 1.20
CA SER A 4 -20.78 -0.31 2.13
C SER A 4 -20.32 -1.46 3.02
N LEU A 5 -19.11 -1.33 3.57
CA LEU A 5 -18.52 -2.35 4.45
C LEU A 5 -18.31 -3.67 3.69
N ASP A 6 -17.94 -3.56 2.42
CA ASP A 6 -17.70 -4.71 1.57
C ASP A 6 -16.21 -5.07 1.55
N VAL A 7 -15.72 -5.47 2.72
CA VAL A 7 -14.31 -5.81 2.87
C VAL A 7 -14.12 -7.28 3.29
N PRO A 8 -14.09 -8.21 2.31
CA PRO A 8 -13.90 -9.63 2.58
C PRO A 8 -12.44 -10.00 2.84
N THR A 9 -12.22 -11.11 3.56
CA THR A 9 -10.87 -11.58 3.87
C THR A 9 -9.99 -11.62 2.62
N ASN A 10 -10.55 -12.12 1.52
CA ASN A 10 -9.84 -12.21 0.25
C ASN A 10 -9.31 -10.85 -0.19
N ILE A 11 -10.07 -9.82 0.16
CA ILE A 11 -9.70 -8.45 -0.17
C ILE A 11 -8.79 -7.89 0.92
N MET A 12 -9.13 -8.16 2.18
CA MET A 12 -8.35 -7.70 3.31
C MET A 12 -6.90 -8.19 3.19
N ASN A 13 -6.74 -9.51 2.95
CA ASN A 13 -5.42 -10.09 2.79
C ASN A 13 -4.66 -9.40 1.66
N LEU A 14 -5.35 -9.18 0.55
CA LEU A 14 -4.77 -8.49 -0.60
C LEU A 14 -4.41 -7.06 -0.24
N LEU A 15 -5.39 -6.32 0.28
CA LEU A 15 -5.18 -4.94 0.70
C LEU A 15 -4.00 -4.86 1.67
N PHE A 16 -4.01 -5.75 2.66
CA PHE A 16 -2.95 -5.80 3.66
C PHE A 16 -1.59 -5.98 2.98
N ASN A 17 -1.52 -6.84 1.97
CA ASN A 17 -0.28 -7.09 1.24
C ASN A 17 0.04 -5.93 0.31
N ILE A 18 -0.96 -5.48 -0.45
CA ILE A 18 -0.77 -4.34 -1.36
C ILE A 18 -0.20 -3.17 -0.59
N ALA A 19 -0.92 -2.73 0.44
CA ALA A 19 -0.43 -1.64 1.27
C ALA A 19 0.99 -1.98 1.73
N LYS A 20 1.14 -3.19 2.29
CA LYS A 20 2.43 -3.70 2.75
C LYS A 20 3.54 -3.43 1.72
N ALA A 21 3.37 -4.00 0.52
CA ALA A 21 4.35 -3.81 -0.54
C ALA A 21 4.40 -2.35 -1.01
N LYS A 22 3.23 -1.72 -1.09
CA LYS A 22 3.14 -0.33 -1.52
C LYS A 22 3.87 0.59 -0.55
N ASN A 23 3.64 0.41 0.75
CA ASN A 23 4.30 1.23 1.76
C ASN A 23 5.81 0.99 1.78
N LEU A 24 6.22 -0.25 1.49
CA LEU A 24 7.66 -0.59 1.47
C LEU A 24 8.37 0.16 0.35
N ARG A 25 7.74 0.19 -0.80
CA ARG A 25 8.29 0.87 -1.98
C ARG A 25 8.03 2.38 -1.92
N ALA A 26 6.83 2.76 -1.46
CA ALA A 26 6.47 4.17 -1.34
C ALA A 26 7.42 4.87 -0.38
N GLN A 27 7.86 4.13 0.63
CA GLN A 27 8.80 4.67 1.62
C GLN A 27 10.22 4.16 1.39
N ALA A 28 10.53 3.86 0.13
CA ALA A 28 11.85 3.38 -0.26
C ALA A 28 12.30 4.06 -1.55
N ALA A 29 11.42 4.06 -2.54
CA ALA A 29 11.71 4.71 -3.81
C ALA A 29 11.32 6.19 -3.81
N ALA A 30 10.49 6.62 -2.85
CA ALA A 30 10.06 8.02 -2.78
C ALA A 30 10.86 8.85 -1.78
N ASN A 31 11.15 8.26 -0.64
CA ASN A 31 11.92 8.94 0.41
C ASN A 31 13.34 9.26 -0.07
N ALA A 32 13.96 8.30 -0.75
CA ALA A 32 15.32 8.50 -1.27
C ALA A 32 15.36 9.56 -2.37
N HIS A 33 14.21 9.90 -2.91
CA HIS A 33 14.11 10.92 -3.96
C HIS A 33 13.66 12.27 -3.39
N LEU A 34 12.54 12.26 -2.66
CA LEU A 34 12.01 13.49 -2.06
C LEU A 34 13.05 14.23 -1.19
N MET A 35 14.05 13.50 -0.72
CA MET A 35 15.10 14.07 0.12
C MET A 35 16.35 14.46 -0.68
N ALA A 36 16.32 14.24 -2.01
CA ALA A 36 17.47 14.58 -2.86
C ALA A 36 17.05 14.89 -4.30
N GLN A 37 15.89 15.53 -4.45
CA GLN A 37 15.37 15.87 -5.77
C GLN A 37 14.68 17.23 -5.77
N ILE A 38 13.55 17.32 -5.06
CA ILE A 38 12.75 18.54 -4.95
C ILE A 38 12.39 19.14 -6.33
N PHE A 1 -25.15 2.46 -3.71
CA PHE A 1 -25.70 2.34 -2.32
C PHE A 1 -26.29 0.96 -2.07
N THR A 2 -26.14 0.46 -0.84
CA THR A 2 -26.66 -0.86 -0.47
C THR A 2 -25.79 -1.98 -1.02
N LEU A 3 -25.52 -3.00 -0.19
CA LEU A 3 -24.70 -4.15 -0.58
C LEU A 3 -23.24 -3.74 -0.81
N SER A 4 -22.37 -4.74 -0.99
CA SER A 4 -20.94 -4.52 -1.21
C SER A 4 -20.28 -3.79 -0.04
N LEU A 5 -20.75 -4.07 1.18
CA LEU A 5 -20.21 -3.44 2.39
C LEU A 5 -19.78 -4.50 3.42
N ASP A 6 -18.99 -5.47 2.97
CA ASP A 6 -18.50 -6.54 3.84
C ASP A 6 -17.05 -6.89 3.48
N VAL A 7 -16.11 -6.16 4.07
CA VAL A 7 -14.68 -6.37 3.82
C VAL A 7 -14.27 -7.82 4.12
N PRO A 8 -14.02 -8.62 3.07
CA PRO A 8 -13.62 -10.02 3.22
C PRO A 8 -12.11 -10.21 3.40
N THR A 9 -11.72 -11.35 3.99
CA THR A 9 -10.31 -11.67 4.21
C THR A 9 -9.50 -11.57 2.92
N ASN A 10 -10.04 -12.14 1.84
CA ASN A 10 -9.36 -12.12 0.53
C ASN A 10 -8.99 -10.70 0.13
N ILE A 11 -9.92 -9.80 0.34
CA ILE A 11 -9.73 -8.39 0.03
C ILE A 11 -8.79 -7.75 1.06
N MET A 12 -9.04 -8.03 2.34
CA MET A 12 -8.21 -7.50 3.42
C MET A 12 -6.74 -7.87 3.18
N ASN A 13 -6.49 -9.16 2.93
CA ASN A 13 -5.14 -9.63 2.66
C ASN A 13 -4.54 -8.86 1.48
N LEU A 14 -5.31 -8.75 0.41
CA LEU A 14 -4.89 -8.02 -0.79
C LEU A 14 -4.57 -6.57 -0.43
N LEU A 15 -5.53 -5.88 0.18
CA LEU A 15 -5.33 -4.49 0.59
C LEU A 15 -4.09 -4.38 1.47
N PHE A 16 -3.98 -5.26 2.44
CA PHE A 16 -2.81 -5.28 3.34
C PHE A 16 -1.53 -5.37 2.52
N ASN A 17 -1.53 -6.26 1.52
CA ASN A 17 -0.38 -6.45 0.66
C ASN A 17 -0.19 -5.24 -0.27
N ILE A 18 -1.30 -4.74 -0.82
CA ILE A 18 -1.24 -3.56 -1.68
C ILE A 18 -0.53 -2.43 -0.93
N ALA A 19 -1.09 -2.05 0.22
CA ALA A 19 -0.47 -1.01 1.05
C ALA A 19 0.98 -1.40 1.34
N LYS A 20 1.19 -2.69 1.66
CA LYS A 20 2.51 -3.22 1.93
C LYS A 20 3.50 -2.81 0.83
N ALA A 21 3.26 -3.27 -0.38
CA ALA A 21 4.13 -2.93 -1.51
C ALA A 21 4.03 -1.45 -1.90
N LYS A 22 2.80 -0.91 -1.88
CA LYS A 22 2.59 0.49 -2.24
C LYS A 22 3.37 1.42 -1.32
N ASN A 23 3.49 1.03 -0.05
CA ASN A 23 4.23 1.85 0.93
C ASN A 23 5.71 1.44 1.00
N LEU A 24 5.98 0.13 1.00
CA LEU A 24 7.36 -0.35 1.06
C LEU A 24 8.26 0.42 0.10
N ARG A 25 7.85 0.43 -1.15
CA ARG A 25 8.57 1.14 -2.20
C ARG A 25 8.42 2.65 -2.08
N ALA A 26 7.22 3.12 -1.76
CA ALA A 26 6.97 4.55 -1.61
C ALA A 26 7.70 5.12 -0.41
N GLN A 27 8.04 4.27 0.55
CA GLN A 27 8.72 4.71 1.76
C GLN A 27 10.22 4.36 1.77
N ALA A 28 10.55 3.23 1.19
CA ALA A 28 11.95 2.77 1.15
C ALA A 28 12.66 3.21 -0.14
N ALA A 29 11.88 3.47 -1.19
CA ALA A 29 12.45 3.89 -2.48
C ALA A 29 12.13 5.37 -2.78
N ALA A 30 11.03 5.89 -2.22
CA ALA A 30 10.66 7.28 -2.47
C ALA A 30 11.29 8.23 -1.45
N ASN A 31 11.69 7.69 -0.32
CA ASN A 31 12.34 8.48 0.73
C ASN A 31 13.66 9.06 0.25
N ALA A 32 14.50 8.20 -0.34
CA ALA A 32 15.79 8.63 -0.86
C ALA A 32 15.65 9.41 -2.17
N HIS A 33 14.46 9.36 -2.75
CA HIS A 33 14.17 10.07 -4.00
C HIS A 33 13.57 11.45 -3.71
N LEU A 34 12.51 11.49 -2.91
CA LEU A 34 11.85 12.75 -2.56
C LEU A 34 12.68 13.59 -1.59
N MET A 35 13.69 12.97 -0.98
CA MET A 35 14.57 13.65 -0.04
C MET A 35 15.25 14.88 -0.67
N ALA A 36 15.32 14.88 -1.99
CA ALA A 36 15.93 15.98 -2.73
C ALA A 36 14.95 16.55 -3.78
N GLN A 37 13.69 16.69 -3.38
CA GLN A 37 12.66 17.22 -4.28
C GLN A 37 12.80 18.72 -4.49
N ILE A 38 13.12 19.46 -3.42
CA ILE A 38 13.28 20.91 -3.50
C ILE A 38 13.91 21.46 -2.21
N PHE A 1 -22.15 7.62 3.29
CA PHE A 1 -20.79 7.85 3.83
C PHE A 1 -20.35 6.71 4.75
N THR A 2 -19.04 6.57 4.96
CA THR A 2 -18.49 5.51 5.82
C THR A 2 -19.06 4.13 5.48
N LEU A 3 -18.61 3.57 4.36
CA LEU A 3 -19.07 2.24 3.93
C LEU A 3 -17.90 1.41 3.42
N SER A 4 -17.62 0.30 4.10
CA SER A 4 -16.52 -0.58 3.70
C SER A 4 -16.97 -1.71 2.78
N LEU A 5 -18.27 -1.82 2.54
CA LEU A 5 -18.82 -2.87 1.67
C LEU A 5 -18.40 -4.26 2.15
N ASP A 6 -18.44 -4.47 3.48
CA ASP A 6 -18.08 -5.75 4.08
C ASP A 6 -16.77 -6.31 3.50
N VAL A 7 -15.64 -5.78 3.96
CA VAL A 7 -14.32 -6.20 3.49
C VAL A 7 -14.04 -7.67 3.84
N PRO A 8 -14.04 -8.56 2.82
CA PRO A 8 -13.77 -9.99 3.03
C PRO A 8 -12.28 -10.32 3.15
N THR A 9 -11.97 -11.46 3.76
CA THR A 9 -10.59 -11.90 3.95
C THR A 9 -9.80 -11.86 2.63
N ASN A 10 -10.41 -12.37 1.56
CA ASN A 10 -9.77 -12.39 0.24
C ASN A 10 -9.33 -10.99 -0.19
N ILE A 11 -10.09 -10.01 0.23
CA ILE A 11 -9.80 -8.62 -0.06
C ILE A 11 -8.88 -8.04 1.00
N MET A 12 -9.20 -8.30 2.28
CA MET A 12 -8.40 -7.84 3.40
C MET A 12 -6.93 -8.20 3.19
N ASN A 13 -6.67 -9.48 2.89
CA ASN A 13 -5.31 -9.95 2.64
C ASN A 13 -4.67 -9.14 1.51
N LEU A 14 -5.43 -8.97 0.43
CA LEU A 14 -4.96 -8.18 -0.72
C LEU A 14 -4.66 -6.75 -0.29
N LEU A 15 -5.64 -6.10 0.34
CA LEU A 15 -5.46 -4.73 0.83
C LEU A 15 -4.24 -4.64 1.74
N PHE A 16 -4.16 -5.58 2.69
CA PHE A 16 -3.03 -5.63 3.62
C PHE A 16 -1.72 -5.75 2.85
N ASN A 17 -1.71 -6.60 1.82
CA ASN A 17 -0.53 -6.79 0.99
C ASN A 17 -0.25 -5.56 0.13
N ILE A 18 -1.31 -5.02 -0.50
CA ILE A 18 -1.17 -3.82 -1.32
C ILE A 18 -0.53 -2.71 -0.51
N ALA A 19 -1.17 -2.34 0.60
CA ALA A 19 -0.63 -1.31 1.48
C ALA A 19 0.77 -1.70 1.97
N LYS A 20 0.98 -3.00 2.17
CA LYS A 20 2.26 -3.53 2.62
C LYS A 20 3.35 -3.29 1.59
N ALA A 21 3.07 -3.60 0.33
CA ALA A 21 4.05 -3.42 -0.74
C ALA A 21 4.10 -1.97 -1.22
N LYS A 22 2.93 -1.32 -1.31
CA LYS A 22 2.87 0.07 -1.76
C LYS A 22 3.61 1.00 -0.81
N ASN A 23 3.49 0.76 0.49
CA ASN A 23 4.18 1.60 1.47
C ASN A 23 5.70 1.40 1.38
N LEU A 24 6.12 0.14 1.23
CA LEU A 24 7.55 -0.16 1.11
C LEU A 24 8.15 0.58 -0.08
N ARG A 25 7.51 0.41 -1.22
CA ARG A 25 7.94 1.06 -2.46
C ARG A 25 7.85 2.58 -2.38
N ALA A 26 6.73 3.09 -1.86
CA ALA A 26 6.54 4.52 -1.73
C ALA A 26 7.46 5.12 -0.68
N GLN A 27 7.79 4.33 0.34
CA GLN A 27 8.68 4.80 1.41
C GLN A 27 10.15 4.64 1.06
N ALA A 28 10.47 3.54 0.41
CA ALA A 28 11.85 3.25 0.00
C ALA A 28 12.24 3.97 -1.29
N ALA A 29 11.33 3.98 -2.26
CA ALA A 29 11.61 4.64 -3.54
C ALA A 29 11.44 6.16 -3.49
N ALA A 30 10.84 6.69 -2.42
CA ALA A 30 10.62 8.13 -2.31
C ALA A 30 11.57 8.81 -1.32
N ASN A 31 11.80 8.16 -0.21
CA ASN A 31 12.68 8.70 0.83
C ASN A 31 14.09 8.95 0.31
N ALA A 32 14.60 8.03 -0.51
CA ALA A 32 15.93 8.16 -1.08
C ALA A 32 15.94 9.06 -2.33
N HIS A 33 14.77 9.59 -2.71
CA HIS A 33 14.66 10.45 -3.88
C HIS A 33 14.24 11.87 -3.49
N LEU A 34 13.16 11.99 -2.73
CA LEU A 34 12.66 13.31 -2.30
C LEU A 34 13.62 14.00 -1.34
N MET A 35 14.55 13.24 -0.77
CA MET A 35 15.54 13.78 0.17
C MET A 35 16.45 14.83 -0.50
N ALA A 36 16.45 14.87 -1.83
CA ALA A 36 17.26 15.82 -2.58
C ALA A 36 16.44 16.52 -3.68
N GLN A 37 15.23 16.96 -3.32
CA GLN A 37 14.35 17.64 -4.26
C GLN A 37 14.29 19.15 -4.00
N ILE A 38 14.10 19.53 -2.74
CA ILE A 38 14.01 20.95 -2.37
C ILE A 38 14.17 21.15 -0.86
N PHE A 1 -27.85 -14.07 5.79
CA PHE A 1 -26.55 -13.36 5.60
C PHE A 1 -26.60 -12.43 4.39
N THR A 2 -25.57 -11.60 4.23
CA THR A 2 -25.49 -10.66 3.11
C THR A 2 -24.08 -10.10 2.98
N LEU A 3 -23.57 -10.06 1.75
CA LEU A 3 -22.24 -9.55 1.48
C LEU A 3 -22.27 -8.43 0.43
N SER A 4 -21.38 -7.47 0.57
CA SER A 4 -21.30 -6.33 -0.35
C SER A 4 -20.04 -5.51 -0.10
N LEU A 5 -18.88 -6.15 -0.30
CA LEU A 5 -17.58 -5.50 -0.09
C LEU A 5 -17.38 -5.09 1.37
N ASP A 6 -17.88 -5.92 2.27
CA ASP A 6 -17.76 -5.68 3.71
C ASP A 6 -16.39 -6.13 4.23
N VAL A 7 -15.34 -5.57 3.64
CA VAL A 7 -13.94 -5.89 4.00
C VAL A 7 -13.72 -7.39 4.26
N PRO A 8 -14.02 -8.25 3.27
CA PRO A 8 -13.86 -9.69 3.40
C PRO A 8 -12.39 -10.13 3.35
N THR A 9 -12.12 -11.37 3.75
CA THR A 9 -10.76 -11.91 3.76
C THR A 9 -10.05 -11.67 2.42
N ASN A 10 -10.74 -11.95 1.32
CA ASN A 10 -10.17 -11.77 -0.03
C ASN A 10 -9.79 -10.30 -0.27
N ILE A 11 -10.38 -9.41 0.49
CA ILE A 11 -10.11 -7.99 0.39
C ILE A 11 -9.10 -7.57 1.46
N MET A 12 -9.35 -7.98 2.71
CA MET A 12 -8.46 -7.67 3.82
C MET A 12 -7.03 -8.09 3.50
N ASN A 13 -6.87 -9.35 3.09
CA ASN A 13 -5.55 -9.88 2.73
C ASN A 13 -4.94 -9.03 1.62
N LEU A 14 -5.75 -8.64 0.65
CA LEU A 14 -5.31 -7.80 -0.45
C LEU A 14 -4.89 -6.42 0.06
N LEU A 15 -5.80 -5.76 0.79
CA LEU A 15 -5.53 -4.44 1.35
C LEU A 15 -4.22 -4.46 2.14
N PHE A 16 -4.08 -5.44 3.03
CA PHE A 16 -2.87 -5.60 3.84
C PHE A 16 -1.65 -5.74 2.93
N ASN A 17 -1.80 -6.52 1.86
CA ASN A 17 -0.73 -6.74 0.90
C ASN A 17 -0.46 -5.46 0.12
N ILE A 18 -1.53 -4.85 -0.40
CA ILE A 18 -1.40 -3.60 -1.15
C ILE A 18 -0.64 -2.58 -0.30
N ALA A 19 -1.15 -2.33 0.91
CA ALA A 19 -0.48 -1.43 1.84
C ALA A 19 0.96 -1.88 2.03
N LYS A 20 1.14 -3.17 2.28
CA LYS A 20 2.47 -3.76 2.48
C LYS A 20 3.40 -3.38 1.33
N ALA A 21 3.00 -3.68 0.10
CA ALA A 21 3.80 -3.37 -1.08
C ALA A 21 3.88 -1.86 -1.33
N LYS A 22 2.74 -1.18 -1.19
CA LYS A 22 2.68 0.27 -1.39
C LYS A 22 3.62 0.98 -0.41
N ASN A 23 3.55 0.59 0.85
CA ASN A 23 4.41 1.18 1.88
C ASN A 23 5.89 0.95 1.54
N LEU A 24 6.21 -0.25 1.05
CA LEU A 24 7.59 -0.57 0.67
C LEU A 24 8.10 0.41 -0.37
N ARG A 25 7.30 0.63 -1.39
CA ARG A 25 7.63 1.54 -2.48
C ARG A 25 7.48 3.01 -2.06
N ALA A 26 6.42 3.32 -1.31
CA ALA A 26 6.19 4.68 -0.83
C ALA A 26 7.34 5.13 0.06
N GLN A 27 7.88 4.20 0.83
CA GLN A 27 8.99 4.50 1.72
C GLN A 27 10.32 3.96 1.17
N ALA A 28 10.43 3.93 -0.16
CA ALA A 28 11.64 3.49 -0.83
C ALA A 28 11.91 4.36 -2.06
N ALA A 29 10.87 4.58 -2.87
CA ALA A 29 10.99 5.41 -4.06
C ALA A 29 10.64 6.88 -3.78
N ALA A 30 10.17 7.21 -2.57
CA ALA A 30 9.81 8.59 -2.24
C ALA A 30 10.78 9.25 -1.27
N ASN A 31 11.32 8.47 -0.36
CA ASN A 31 12.26 8.97 0.65
C ASN A 31 13.69 8.98 0.12
N ALA A 32 14.16 7.83 -0.37
CA ALA A 32 15.52 7.71 -0.89
C ALA A 32 15.71 8.50 -2.19
N HIS A 33 14.60 8.80 -2.85
CA HIS A 33 14.62 9.56 -4.11
C HIS A 33 15.20 10.96 -3.92
N LEU A 34 14.83 11.63 -2.82
CA LEU A 34 15.33 12.98 -2.56
C LEU A 34 16.66 12.93 -1.81
N MET A 35 16.78 11.97 -0.91
CA MET A 35 17.99 11.78 -0.12
C MET A 35 19.20 11.48 -1.00
N ALA A 36 18.95 10.78 -2.09
CA ALA A 36 20.00 10.43 -3.05
C ALA A 36 20.07 11.43 -4.22
N GLN A 37 19.44 12.59 -4.05
CA GLN A 37 19.43 13.62 -5.08
C GLN A 37 20.21 14.86 -4.63
N ILE A 38 19.82 15.41 -3.47
CA ILE A 38 20.45 16.61 -2.91
C ILE A 38 19.95 17.88 -3.58
N PHE A 1 -23.67 -13.83 6.89
CA PHE A 1 -22.88 -12.83 6.13
C PHE A 1 -22.13 -11.88 7.06
N THR A 2 -21.26 -11.05 6.48
CA THR A 2 -20.47 -10.10 7.26
C THR A 2 -21.14 -8.72 7.23
N LEU A 3 -20.35 -7.67 7.44
CA LEU A 3 -20.84 -6.30 7.44
C LEU A 3 -19.72 -5.32 7.82
N SER A 4 -18.98 -4.84 6.82
CA SER A 4 -17.88 -3.90 7.05
C SER A 4 -17.31 -3.37 5.74
N LEU A 5 -18.13 -2.59 5.02
CA LEU A 5 -17.71 -2.00 3.74
C LEU A 5 -17.19 -3.05 2.76
N ASP A 6 -17.86 -4.20 2.72
CA ASP A 6 -17.50 -5.31 1.83
C ASP A 6 -15.98 -5.52 1.75
N VAL A 7 -15.46 -6.23 2.75
CA VAL A 7 -14.03 -6.52 2.82
C VAL A 7 -13.80 -8.00 3.18
N PRO A 8 -13.98 -8.91 2.20
CA PRO A 8 -13.80 -10.36 2.41
C PRO A 8 -12.35 -10.73 2.72
N THR A 9 -12.16 -11.93 3.27
CA THR A 9 -10.83 -12.43 3.62
C THR A 9 -9.87 -12.31 2.44
N ASN A 10 -10.36 -12.65 1.24
CA ASN A 10 -9.53 -12.58 0.03
C ASN A 10 -9.26 -11.13 -0.39
N ILE A 11 -9.89 -10.18 0.28
CA ILE A 11 -9.70 -8.77 0.01
C ILE A 11 -8.82 -8.16 1.10
N MET A 12 -9.16 -8.45 2.36
CA MET A 12 -8.41 -7.96 3.50
C MET A 12 -6.93 -8.33 3.38
N ASN A 13 -6.66 -9.61 3.12
CA ASN A 13 -5.29 -10.09 2.95
C ASN A 13 -4.59 -9.32 1.83
N LEU A 14 -5.30 -9.13 0.72
CA LEU A 14 -4.76 -8.39 -0.42
C LEU A 14 -4.53 -6.93 -0.05
N LEU A 15 -5.58 -6.28 0.48
CA LEU A 15 -5.48 -4.88 0.89
C LEU A 15 -4.31 -4.69 1.84
N PHE A 16 -4.24 -5.54 2.86
CA PHE A 16 -3.17 -5.49 3.85
C PHE A 16 -1.81 -5.59 3.16
N ASN A 17 -1.71 -6.49 2.18
CA ASN A 17 -0.48 -6.69 1.43
C ASN A 17 -0.23 -5.52 0.48
N ILE A 18 -1.27 -5.11 -0.26
CA ILE A 18 -1.16 -3.99 -1.18
C ILE A 18 -0.60 -2.79 -0.43
N ALA A 19 -1.28 -2.40 0.65
CA ALA A 19 -0.80 -1.30 1.48
C ALA A 19 0.63 -1.58 1.91
N LYS A 20 0.87 -2.81 2.37
CA LYS A 20 2.20 -3.27 2.79
C LYS A 20 3.25 -2.94 1.71
N ALA A 21 3.04 -3.48 0.51
CA ALA A 21 3.96 -3.27 -0.60
C ALA A 21 3.94 -1.82 -1.09
N LYS A 22 2.74 -1.23 -1.18
CA LYS A 22 2.59 0.15 -1.64
C LYS A 22 3.32 1.10 -0.70
N ASN A 23 3.14 0.89 0.61
CA ASN A 23 3.81 1.71 1.62
C ASN A 23 5.33 1.59 1.48
N LEU A 24 5.80 0.37 1.24
CA LEU A 24 7.23 0.10 1.07
C LEU A 24 7.78 0.90 -0.10
N ARG A 25 7.33 0.58 -1.29
CA ARG A 25 7.76 1.25 -2.51
C ARG A 25 7.59 2.77 -2.43
N ALA A 26 6.55 3.22 -1.74
CA ALA A 26 6.30 4.66 -1.60
C ALA A 26 7.32 5.26 -0.64
N GLN A 27 7.47 4.64 0.53
CA GLN A 27 8.40 5.11 1.55
C GLN A 27 9.85 4.85 1.15
N ALA A 28 10.09 3.72 0.52
CA ALA A 28 11.43 3.37 0.08
C ALA A 28 11.87 4.29 -1.04
N ALA A 29 11.01 4.42 -2.04
CA ALA A 29 11.30 5.29 -3.19
C ALA A 29 11.29 6.78 -2.81
N ALA A 30 10.28 7.21 -2.02
CA ALA A 30 10.18 8.62 -1.62
C ALA A 30 11.01 8.99 -0.40
N ASN A 31 11.57 8.00 0.30
CA ASN A 31 12.40 8.27 1.48
C ASN A 31 13.56 9.18 1.10
N ALA A 32 14.29 8.79 0.06
CA ALA A 32 15.42 9.57 -0.43
C ALA A 32 15.03 10.40 -1.65
N HIS A 33 13.78 10.29 -2.09
CA HIS A 33 13.26 11.01 -3.26
C HIS A 33 13.84 10.46 -4.56
N LEU A 34 15.15 10.28 -4.58
CA LEU A 34 15.84 9.75 -5.76
C LEU A 34 16.16 8.25 -5.60
N MET A 35 15.51 7.60 -4.64
CA MET A 35 15.72 6.17 -4.40
C MET A 35 15.16 5.31 -5.53
N ALA A 36 14.26 5.91 -6.31
CA ALA A 36 13.64 5.23 -7.44
C ALA A 36 13.96 5.95 -8.76
N GLN A 37 15.18 6.46 -8.87
CA GLN A 37 15.62 7.18 -10.08
C GLN A 37 16.18 6.23 -11.14
N ILE A 38 16.97 5.25 -10.71
CA ILE A 38 17.57 4.28 -11.63
C ILE A 38 17.50 2.85 -11.07
N PHE A 1 -17.71 -7.33 -8.22
CA PHE A 1 -18.10 -5.90 -8.09
C PHE A 1 -19.61 -5.77 -7.84
N THR A 2 -20.02 -4.64 -7.27
CA THR A 2 -21.44 -4.37 -6.97
C THR A 2 -21.92 -5.23 -5.80
N LEU A 3 -21.93 -4.64 -4.60
CA LEU A 3 -22.37 -5.33 -3.38
C LEU A 3 -21.39 -6.44 -2.97
N SER A 4 -21.59 -6.99 -1.76
CA SER A 4 -20.74 -8.04 -1.23
C SER A 4 -19.29 -7.59 -1.01
N LEU A 5 -19.08 -6.27 -0.88
CA LEU A 5 -17.75 -5.72 -0.66
C LEU A 5 -17.60 -5.24 0.79
N ASP A 6 -18.21 -5.98 1.71
CA ASP A 6 -18.18 -5.66 3.13
C ASP A 6 -16.84 -6.05 3.75
N VAL A 7 -15.77 -5.47 3.22
CA VAL A 7 -14.39 -5.72 3.68
C VAL A 7 -14.14 -7.22 3.96
N PRO A 8 -14.34 -8.07 2.94
CA PRO A 8 -14.15 -9.52 3.07
C PRO A 8 -12.67 -9.92 3.18
N THR A 9 -12.45 -11.18 3.58
CA THR A 9 -11.09 -11.72 3.74
C THR A 9 -10.23 -11.45 2.51
N ASN A 10 -10.77 -11.71 1.32
CA ASN A 10 -10.05 -11.48 0.08
C ASN A 10 -9.52 -10.05 0.02
N ILE A 11 -10.43 -9.13 0.24
CA ILE A 11 -10.11 -7.70 0.25
C ILE A 11 -9.12 -7.40 1.38
N MET A 12 -9.42 -7.89 2.59
CA MET A 12 -8.55 -7.68 3.74
C MET A 12 -7.13 -8.18 3.43
N ASN A 13 -7.03 -9.40 2.93
CA ASN A 13 -5.75 -9.99 2.56
C ASN A 13 -5.06 -9.11 1.53
N LEU A 14 -5.81 -8.69 0.51
CA LEU A 14 -5.29 -7.82 -0.53
C LEU A 14 -4.83 -6.50 0.06
N LEU A 15 -5.70 -5.86 0.85
CA LEU A 15 -5.37 -4.60 1.50
C LEU A 15 -4.09 -4.74 2.32
N PHE A 16 -4.03 -5.80 3.13
CA PHE A 16 -2.85 -6.08 3.95
C PHE A 16 -1.59 -6.13 3.09
N ASN A 17 -1.70 -6.82 1.94
CA ASN A 17 -0.58 -6.93 1.02
C ASN A 17 -0.31 -5.59 0.35
N ILE A 18 -1.37 -4.90 -0.08
CA ILE A 18 -1.23 -3.59 -0.70
C ILE A 18 -0.47 -2.66 0.23
N ALA A 19 -0.99 -2.49 1.45
CA ALA A 19 -0.32 -1.65 2.45
C ALA A 19 1.14 -2.11 2.62
N LYS A 20 1.34 -3.43 2.54
CA LYS A 20 2.67 -4.01 2.67
C LYS A 20 3.59 -3.52 1.55
N ALA A 21 3.16 -3.71 0.30
CA ALA A 21 3.96 -3.28 -0.85
C ALA A 21 3.94 -1.76 -1.02
N LYS A 22 2.80 -1.13 -0.73
CA LYS A 22 2.67 0.32 -0.84
C LYS A 22 3.63 1.02 0.10
N ASN A 23 3.73 0.54 1.35
CA ASN A 23 4.64 1.14 2.32
C ASN A 23 6.10 0.89 1.94
N LEU A 24 6.40 -0.35 1.51
CA LEU A 24 7.77 -0.70 1.11
C LEU A 24 8.26 0.21 0.00
N ARG A 25 7.42 0.35 -1.02
CA ARG A 25 7.74 1.20 -2.17
C ARG A 25 7.61 2.68 -1.83
N ALA A 26 6.71 3.03 -0.92
CA ALA A 26 6.53 4.42 -0.52
C ALA A 26 7.76 4.89 0.25
N GLN A 27 8.18 4.09 1.23
CA GLN A 27 9.36 4.42 2.03
C GLN A 27 10.63 4.36 1.18
N ALA A 28 10.59 3.55 0.13
CA ALA A 28 11.72 3.41 -0.78
C ALA A 28 11.72 4.53 -1.82
N ALA A 29 10.61 4.63 -2.56
CA ALA A 29 10.46 5.66 -3.58
C ALA A 29 10.49 7.07 -3.00
N ALA A 30 10.03 7.24 -1.76
CA ALA A 30 10.02 8.57 -1.12
C ALA A 30 11.41 9.00 -0.69
N ASN A 31 12.04 8.16 0.09
CA ASN A 31 13.40 8.44 0.59
C ASN A 31 14.40 8.50 -0.57
N ALA A 32 14.25 7.60 -1.55
CA ALA A 32 15.14 7.57 -2.70
C ALA A 32 14.60 8.44 -3.86
N HIS A 33 14.08 9.62 -3.53
CA HIS A 33 13.53 10.53 -4.53
C HIS A 33 14.49 11.70 -4.81
N LEU A 34 14.60 12.60 -3.83
CA LEU A 34 15.47 13.77 -3.97
C LEU A 34 16.78 13.61 -3.18
N MET A 35 16.97 12.47 -2.54
CA MET A 35 18.18 12.22 -1.74
C MET A 35 19.34 11.69 -2.62
N ALA A 36 19.08 11.46 -3.90
CA ALA A 36 20.10 10.95 -4.82
C ALA A 36 19.97 11.58 -6.21
N GLN A 37 19.75 12.90 -6.25
CA GLN A 37 19.61 13.61 -7.52
C GLN A 37 20.84 14.49 -7.81
N ILE A 38 21.24 15.31 -6.83
CA ILE A 38 22.39 16.19 -6.99
C ILE A 38 23.33 16.09 -5.79
N PHE A 1 -21.34 4.38 -4.62
CA PHE A 1 -19.90 4.27 -5.04
C PHE A 1 -18.97 4.46 -3.85
N THR A 2 -17.70 4.09 -4.02
CA THR A 2 -16.70 4.22 -2.95
C THR A 2 -17.08 3.36 -1.74
N LEU A 3 -16.84 2.05 -1.87
CA LEU A 3 -17.14 1.08 -0.80
C LEU A 3 -18.64 0.76 -0.74
N SER A 4 -18.96 -0.51 -0.52
CA SER A 4 -20.35 -0.96 -0.43
C SER A 4 -20.54 -2.04 0.64
N LEU A 5 -19.89 -1.84 1.80
CA LEU A 5 -19.98 -2.78 2.92
C LEU A 5 -19.68 -4.23 2.47
N ASP A 6 -18.49 -4.43 1.91
CA ASP A 6 -18.08 -5.76 1.45
C ASP A 6 -16.57 -5.95 1.62
N VAL A 7 -16.19 -6.43 2.80
CA VAL A 7 -14.79 -6.67 3.12
C VAL A 7 -14.50 -8.17 3.25
N PRO A 8 -14.30 -8.87 2.11
CA PRO A 8 -14.03 -10.31 2.10
C PRO A 8 -12.58 -10.67 2.42
N THR A 9 -12.36 -11.94 2.80
CA THR A 9 -11.03 -12.44 3.13
C THR A 9 -10.02 -12.17 2.00
N ASN A 10 -10.48 -12.31 0.75
CA ASN A 10 -9.62 -12.08 -0.42
C ASN A 10 -9.26 -10.60 -0.56
N ILE A 11 -9.91 -9.74 0.22
CA ILE A 11 -9.64 -8.32 0.20
C ILE A 11 -8.74 -7.93 1.38
N MET A 12 -9.07 -8.46 2.56
CA MET A 12 -8.29 -8.19 3.77
C MET A 12 -6.81 -8.49 3.54
N ASN A 13 -6.51 -9.71 3.08
CA ASN A 13 -5.13 -10.11 2.81
C ASN A 13 -4.51 -9.18 1.76
N LEU A 14 -5.28 -8.92 0.70
CA LEU A 14 -4.83 -8.02 -0.37
C LEU A 14 -4.53 -6.64 0.19
N LEU A 15 -5.49 -6.08 0.94
CA LEU A 15 -5.30 -4.77 1.57
C LEU A 15 -4.07 -4.77 2.45
N PHE A 16 -3.94 -5.79 3.29
CA PHE A 16 -2.78 -5.93 4.18
C PHE A 16 -1.51 -5.96 3.35
N ASN A 17 -1.54 -6.71 2.25
CA ASN A 17 -0.40 -6.82 1.36
C ASN A 17 -0.17 -5.51 0.62
N ILE A 18 -1.25 -4.91 0.11
CA ILE A 18 -1.17 -3.63 -0.60
C ILE A 18 -0.47 -2.61 0.30
N ALA A 19 -1.04 -2.37 1.48
CA ALA A 19 -0.44 -1.44 2.44
C ALA A 19 1.03 -1.81 2.70
N LYS A 20 1.30 -3.12 2.72
CA LYS A 20 2.65 -3.63 2.94
C LYS A 20 3.61 -3.19 1.83
N ALA A 21 3.24 -3.46 0.58
CA ALA A 21 4.08 -3.07 -0.55
C ALA A 21 3.99 -1.58 -0.84
N LYS A 22 2.81 -1.00 -0.65
CA LYS A 22 2.60 0.43 -0.89
C LYS A 22 3.47 1.27 0.04
N ASN A 23 3.54 0.88 1.31
CA ASN A 23 4.36 1.63 2.27
C ASN A 23 5.85 1.41 2.01
N LEU A 24 6.21 0.20 1.59
CA LEU A 24 7.62 -0.13 1.29
C LEU A 24 8.11 0.67 0.10
N ARG A 25 7.33 0.65 -0.96
CA ARG A 25 7.65 1.37 -2.20
C ARG A 25 7.54 2.88 -2.03
N ALA A 26 6.55 3.34 -1.25
CA ALA A 26 6.35 4.76 -1.03
C ALA A 26 7.53 5.33 -0.24
N GLN A 27 7.91 4.63 0.82
CA GLN A 27 9.04 5.05 1.66
C GLN A 27 10.36 4.93 0.91
N ALA A 28 10.44 3.93 0.05
CA ALA A 28 11.64 3.68 -0.75
C ALA A 28 11.71 4.66 -1.92
N ALA A 29 10.64 4.70 -2.71
CA ALA A 29 10.57 5.59 -3.87
C ALA A 29 10.64 7.07 -3.45
N ALA A 30 10.38 7.36 -2.16
CA ALA A 30 10.42 8.72 -1.67
C ALA A 30 11.80 9.09 -1.14
N ASN A 31 12.23 8.36 -0.13
CA ASN A 31 13.53 8.59 0.51
C ASN A 31 14.69 8.33 -0.45
N ALA A 32 14.58 7.29 -1.28
CA ALA A 32 15.61 6.95 -2.24
C ALA A 32 15.41 7.66 -3.59
N HIS A 33 14.90 8.89 -3.54
CA HIS A 33 14.65 9.68 -4.75
C HIS A 33 14.90 11.17 -4.51
N LEU A 34 14.01 11.81 -3.75
CA LEU A 34 14.15 13.24 -3.45
C LEU A 34 15.42 13.54 -2.67
N MET A 35 15.72 12.66 -1.73
CA MET A 35 16.91 12.79 -0.89
C MET A 35 18.19 12.70 -1.71
N ALA A 36 18.11 12.03 -2.85
CA ALA A 36 19.24 11.87 -3.75
C ALA A 36 19.06 12.69 -5.03
N GLN A 37 18.20 13.71 -4.96
CA GLN A 37 17.93 14.58 -6.10
C GLN A 37 18.05 16.06 -5.73
N ILE A 38 17.25 16.48 -4.74
CA ILE A 38 17.23 17.87 -4.26
C ILE A 38 16.64 18.84 -5.30
N PHE A 1 -17.47 8.92 -6.42
CA PHE A 1 -18.09 7.80 -5.64
C PHE A 1 -17.62 7.82 -4.18
N THR A 2 -18.22 6.96 -3.35
CA THR A 2 -17.86 6.88 -1.94
C THR A 2 -18.41 5.60 -1.30
N LEU A 3 -17.51 4.84 -0.65
CA LEU A 3 -17.90 3.59 -0.01
C LEU A 3 -16.77 3.07 0.89
N SER A 4 -17.14 2.43 2.00
CA SER A 4 -16.15 1.88 2.94
C SER A 4 -16.76 0.77 3.81
N LEU A 5 -17.28 -0.26 3.15
CA LEU A 5 -17.89 -1.39 3.85
C LEU A 5 -17.71 -2.70 3.08
N ASP A 6 -16.50 -2.92 2.55
CA ASP A 6 -16.21 -4.12 1.79
C ASP A 6 -14.73 -4.51 1.94
N VAL A 7 -14.47 -5.33 2.93
CA VAL A 7 -13.12 -5.79 3.21
C VAL A 7 -13.10 -7.27 3.59
N PRO A 8 -13.53 -8.15 2.67
CA PRO A 8 -13.56 -9.60 2.91
C PRO A 8 -12.17 -10.24 2.97
N THR A 9 -12.10 -11.48 3.44
CA THR A 9 -10.83 -12.20 3.56
C THR A 9 -10.01 -12.12 2.26
N ASN A 10 -10.67 -12.33 1.13
CA ASN A 10 -10.01 -12.28 -0.17
C ASN A 10 -9.54 -10.87 -0.53
N ILE A 11 -10.08 -9.88 0.17
CA ILE A 11 -9.72 -8.49 -0.06
C ILE A 11 -8.76 -8.02 1.04
N MET A 12 -9.10 -8.30 2.29
CA MET A 12 -8.27 -7.94 3.43
C MET A 12 -6.83 -8.43 3.22
N ASN A 13 -6.68 -9.72 2.92
CA ASN A 13 -5.37 -10.30 2.68
C ASN A 13 -4.64 -9.55 1.56
N LEU A 14 -5.37 -9.28 0.49
CA LEU A 14 -4.82 -8.56 -0.66
C LEU A 14 -4.52 -7.10 -0.29
N LEU A 15 -5.52 -6.40 0.24
CA LEU A 15 -5.35 -5.01 0.65
C LEU A 15 -4.17 -4.89 1.61
N PHE A 16 -4.13 -5.76 2.62
CA PHE A 16 -3.05 -5.77 3.60
C PHE A 16 -1.71 -5.95 2.90
N ASN A 17 -1.67 -6.85 1.91
CA ASN A 17 -0.47 -7.12 1.14
C ASN A 17 -0.13 -5.94 0.25
N ILE A 18 -1.13 -5.44 -0.48
CA ILE A 18 -0.94 -4.28 -1.35
C ILE A 18 -0.36 -3.14 -0.54
N ALA A 19 -1.05 -2.76 0.54
CA ALA A 19 -0.55 -1.71 1.42
C ALA A 19 0.87 -2.05 1.87
N LYS A 20 1.07 -3.31 2.27
CA LYS A 20 2.37 -3.80 2.70
C LYS A 20 3.45 -3.45 1.68
N ALA A 21 3.31 -3.97 0.46
CA ALA A 21 4.27 -3.73 -0.61
C ALA A 21 4.28 -2.26 -1.03
N LYS A 22 3.10 -1.64 -1.12
CA LYS A 22 2.98 -0.25 -1.51
C LYS A 22 3.71 0.64 -0.51
N ASN A 23 3.46 0.40 0.78
CA ASN A 23 4.10 1.18 1.84
C ASN A 23 5.63 1.06 1.75
N LEU A 24 6.11 -0.17 1.52
CA LEU A 24 7.55 -0.43 1.41
C LEU A 24 8.16 0.41 0.30
N ARG A 25 7.60 0.29 -0.89
CA ARG A 25 8.07 1.02 -2.07
C ARG A 25 7.75 2.52 -1.97
N ALA A 26 6.58 2.86 -1.43
CA ALA A 26 6.17 4.25 -1.28
C ALA A 26 7.10 4.96 -0.31
N GLN A 27 7.45 4.27 0.77
CA GLN A 27 8.35 4.86 1.77
C GLN A 27 9.81 4.48 1.50
N ALA A 28 10.08 3.95 0.32
CA ALA A 28 11.44 3.58 -0.08
C ALA A 28 11.85 4.42 -1.29
N ALA A 29 11.00 4.40 -2.32
CA ALA A 29 11.26 5.17 -3.54
C ALA A 29 10.71 6.60 -3.43
N ALA A 30 9.71 6.81 -2.56
CA ALA A 30 9.11 8.14 -2.40
C ALA A 30 9.48 8.78 -1.05
N ASN A 31 10.36 8.13 -0.28
CA ASN A 31 10.77 8.65 1.02
C ASN A 31 11.81 9.75 0.84
N ALA A 32 12.97 9.39 0.28
CA ALA A 32 14.03 10.35 0.04
C ALA A 32 13.94 10.95 -1.37
N HIS A 33 12.99 10.45 -2.17
CA HIS A 33 12.77 10.90 -3.55
C HIS A 33 13.89 10.46 -4.49
N LEU A 34 15.14 10.61 -4.03
CA LEU A 34 16.31 10.23 -4.82
C LEU A 34 16.90 8.89 -4.37
N MET A 35 16.13 8.11 -3.59
CA MET A 35 16.58 6.80 -3.12
C MET A 35 16.67 5.78 -4.26
N ALA A 36 16.13 6.13 -5.43
CA ALA A 36 16.14 5.26 -6.60
C ALA A 36 16.76 5.97 -7.80
N GLN A 37 17.87 6.68 -7.56
CA GLN A 37 18.56 7.42 -8.62
C GLN A 37 19.89 6.76 -8.99
N ILE A 38 19.93 5.43 -8.94
CA ILE A 38 21.13 4.67 -9.28
C ILE A 38 20.81 3.20 -9.57
N PHE A 1 -17.48 7.77 -4.67
CA PHE A 1 -16.03 7.49 -4.43
C PHE A 1 -15.75 7.28 -2.94
N THR A 2 -14.63 6.62 -2.63
CA THR A 2 -14.24 6.34 -1.24
C THR A 2 -15.27 5.48 -0.52
N LEU A 3 -15.18 4.16 -0.71
CA LEU A 3 -16.11 3.23 -0.07
C LEU A 3 -15.37 2.22 0.80
N SER A 4 -15.85 2.02 2.02
CA SER A 4 -15.24 1.07 2.95
C SER A 4 -16.28 0.10 3.52
N LEU A 5 -17.24 -0.28 2.68
CA LEU A 5 -18.29 -1.22 3.10
C LEU A 5 -18.10 -2.59 2.44
N ASP A 6 -16.85 -3.01 2.32
CA ASP A 6 -16.52 -4.29 1.71
C ASP A 6 -15.04 -4.63 1.94
N VAL A 7 -14.80 -5.48 2.92
CA VAL A 7 -13.46 -5.90 3.28
C VAL A 7 -13.41 -7.40 3.61
N PRO A 8 -13.78 -8.26 2.64
CA PRO A 8 -13.79 -9.72 2.83
C PRO A 8 -12.39 -10.30 2.92
N THR A 9 -12.27 -11.52 3.45
CA THR A 9 -10.98 -12.20 3.59
C THR A 9 -10.16 -12.12 2.31
N ASN A 10 -10.78 -12.43 1.17
CA ASN A 10 -10.11 -12.40 -0.13
C ASN A 10 -9.61 -10.99 -0.49
N ILE A 11 -10.21 -9.99 0.12
CA ILE A 11 -9.84 -8.61 -0.11
C ILE A 11 -8.93 -8.11 1.01
N MET A 12 -9.31 -8.40 2.25
CA MET A 12 -8.54 -8.01 3.43
C MET A 12 -7.07 -8.44 3.29
N ASN A 13 -6.85 -9.72 2.98
CA ASN A 13 -5.49 -10.23 2.81
C ASN A 13 -4.77 -9.47 1.70
N LEU A 14 -5.46 -9.23 0.59
CA LEU A 14 -4.91 -8.49 -0.54
C LEU A 14 -4.61 -7.05 -0.13
N LEU A 15 -5.59 -6.40 0.51
CA LEU A 15 -5.41 -5.02 0.97
C LEU A 15 -4.21 -4.92 1.89
N PHE A 16 -4.16 -5.81 2.88
CA PHE A 16 -3.05 -5.84 3.84
C PHE A 16 -1.73 -6.06 3.12
N ASN A 17 -1.74 -6.97 2.12
CA ASN A 17 -0.55 -7.28 1.34
C ASN A 17 -0.18 -6.11 0.45
N ILE A 18 -1.17 -5.58 -0.28
CA ILE A 18 -0.94 -4.42 -1.16
C ILE A 18 -0.31 -3.30 -0.36
N ALA A 19 -0.99 -2.86 0.70
CA ALA A 19 -0.46 -1.81 1.56
C ALA A 19 0.92 -2.19 2.08
N LYS A 20 1.11 -3.48 2.38
CA LYS A 20 2.38 -4.00 2.88
C LYS A 20 3.51 -3.82 1.85
N ALA A 21 3.25 -4.19 0.61
CA ALA A 21 4.25 -4.06 -0.46
C ALA A 21 4.31 -2.64 -1.02
N LYS A 22 3.15 -1.98 -1.09
CA LYS A 22 3.08 -0.62 -1.61
C LYS A 22 3.83 0.36 -0.70
N ASN A 23 3.68 0.20 0.62
CA ASN A 23 4.36 1.09 1.57
C ASN A 23 5.88 0.95 1.47
N LEU A 24 6.37 -0.29 1.31
CA LEU A 24 7.81 -0.54 1.22
C LEU A 24 8.48 0.34 0.17
N ARG A 25 7.99 0.24 -1.04
CA ARG A 25 8.52 1.01 -2.16
C ARG A 25 8.10 2.48 -2.09
N ALA A 26 6.91 2.74 -1.53
CA ALA A 26 6.42 4.11 -1.42
C ALA A 26 7.28 4.91 -0.45
N GLN A 27 7.62 4.30 0.68
CA GLN A 27 8.46 4.96 1.68
C GLN A 27 9.94 4.91 1.31
N ALA A 28 10.31 3.93 0.51
CA ALA A 28 11.70 3.78 0.08
C ALA A 28 11.98 4.72 -1.10
N ALA A 29 11.15 4.64 -2.13
CA ALA A 29 11.30 5.48 -3.31
C ALA A 29 11.08 6.96 -3.00
N ALA A 30 10.07 7.28 -2.19
CA ALA A 30 9.78 8.67 -1.84
C ALA A 30 10.93 9.33 -1.10
N ASN A 31 11.34 8.72 -0.02
CA ASN A 31 12.44 9.23 0.80
C ASN A 31 13.74 9.24 0.00
N ALA A 32 14.00 8.17 -0.74
CA ALA A 32 15.21 8.07 -1.54
C ALA A 32 15.04 8.67 -2.94
N HIS A 33 14.32 9.80 -3.03
CA HIS A 33 14.09 10.46 -4.31
C HIS A 33 13.60 11.90 -4.12
N LEU A 34 12.49 12.07 -3.39
CA LEU A 34 11.94 13.41 -3.14
C LEU A 34 12.44 13.98 -1.82
N MET A 35 12.58 13.09 -0.84
CA MET A 35 13.07 13.49 0.48
C MET A 35 14.59 13.57 0.53
N ALA A 36 15.24 13.00 -0.49
CA ALA A 36 16.70 13.02 -0.58
C ALA A 36 17.19 14.13 -1.51
N GLN A 37 16.36 15.17 -1.68
CA GLN A 37 16.72 16.30 -2.54
C GLN A 37 17.61 17.30 -1.79
N ILE A 38 17.18 17.66 -0.58
CA ILE A 38 17.91 18.61 0.27
C ILE A 38 17.63 20.06 -0.15
N PHE A 1 -14.12 3.59 10.28
CA PHE A 1 -15.59 3.75 10.51
C PHE A 1 -16.39 3.19 9.33
N THR A 2 -17.72 3.18 9.47
CA THR A 2 -18.62 2.67 8.42
C THR A 2 -18.16 1.32 7.88
N LEU A 3 -17.94 0.36 8.78
CA LEU A 3 -17.50 -0.99 8.38
C LEU A 3 -18.64 -1.77 7.74
N SER A 4 -19.12 -1.29 6.58
CA SER A 4 -20.22 -1.94 5.87
C SER A 4 -20.09 -1.71 4.36
N LEU A 5 -18.94 -2.08 3.80
CA LEU A 5 -18.70 -1.93 2.37
C LEU A 5 -18.03 -3.19 1.77
N ASP A 6 -18.51 -4.36 2.22
CA ASP A 6 -18.00 -5.66 1.76
C ASP A 6 -16.47 -5.74 1.85
N VAL A 7 -15.98 -6.22 3.00
CA VAL A 7 -14.55 -6.36 3.22
C VAL A 7 -14.17 -7.83 3.48
N PRO A 8 -14.27 -8.69 2.44
CA PRO A 8 -13.95 -10.11 2.55
C PRO A 8 -12.48 -10.38 2.89
N THR A 9 -12.22 -11.55 3.48
CA THR A 9 -10.87 -11.95 3.85
C THR A 9 -9.89 -11.79 2.70
N ASN A 10 -10.32 -12.21 1.49
CA ASN A 10 -9.50 -12.11 0.30
C ASN A 10 -9.03 -10.68 0.10
N ILE A 11 -9.99 -9.77 0.16
CA ILE A 11 -9.73 -8.35 0.03
C ILE A 11 -8.79 -7.87 1.13
N MET A 12 -9.12 -8.23 2.37
CA MET A 12 -8.29 -7.87 3.51
C MET A 12 -6.86 -8.36 3.31
N ASN A 13 -6.73 -9.64 2.93
CA ASN A 13 -5.42 -10.24 2.67
C ASN A 13 -4.69 -9.43 1.60
N LEU A 14 -5.39 -9.15 0.50
CA LEU A 14 -4.82 -8.37 -0.59
C LEU A 14 -4.45 -6.97 -0.10
N LEU A 15 -5.39 -6.31 0.57
CA LEU A 15 -5.16 -4.98 1.11
C LEU A 15 -3.93 -4.99 2.01
N PHE A 16 -3.87 -5.97 2.92
CA PHE A 16 -2.74 -6.12 3.83
C PHE A 16 -1.43 -6.14 3.04
N ASN A 17 -1.41 -6.92 1.96
CA ASN A 17 -0.23 -7.02 1.12
C ASN A 17 -0.01 -5.72 0.35
N ILE A 18 -1.10 -5.18 -0.22
CA ILE A 18 -1.03 -3.92 -0.95
C ILE A 18 -0.41 -2.84 -0.07
N ALA A 19 -1.02 -2.61 1.10
CA ALA A 19 -0.50 -1.63 2.05
C ALA A 19 0.95 -1.96 2.40
N LYS A 20 1.25 -3.25 2.51
CA LYS A 20 2.59 -3.72 2.82
C LYS A 20 3.58 -3.34 1.72
N ALA A 21 3.19 -3.55 0.47
CA ALA A 21 4.05 -3.23 -0.67
C ALA A 21 3.99 -1.74 -1.01
N LYS A 22 2.79 -1.15 -0.90
CA LYS A 22 2.59 0.26 -1.20
C LYS A 22 3.42 1.14 -0.28
N ASN A 23 3.43 0.81 1.01
CA ASN A 23 4.21 1.59 1.97
C ASN A 23 5.71 1.41 1.72
N LEU A 24 6.13 0.16 1.46
CA LEU A 24 7.53 -0.14 1.19
C LEU A 24 8.06 0.70 0.04
N ARG A 25 7.40 0.58 -1.10
CA ARG A 25 7.79 1.32 -2.30
C ARG A 25 7.67 2.83 -2.10
N ALA A 26 6.60 3.27 -1.45
CA ALA A 26 6.41 4.69 -1.19
C ALA A 26 7.51 5.21 -0.26
N GLN A 27 7.81 4.41 0.76
CA GLN A 27 8.85 4.76 1.73
C GLN A 27 10.25 4.62 1.14
N ALA A 28 10.42 3.62 0.30
CA ALA A 28 11.71 3.37 -0.35
C ALA A 28 11.93 4.41 -1.44
N ALA A 29 10.93 4.55 -2.31
CA ALA A 29 11.00 5.52 -3.41
C ALA A 29 11.14 6.96 -2.89
N ALA A 30 10.27 7.35 -1.94
CA ALA A 30 10.30 8.70 -1.39
C ALA A 30 11.64 9.01 -0.73
N ASN A 31 12.09 8.09 0.10
CA ASN A 31 13.35 8.23 0.82
C ASN A 31 14.53 8.32 -0.15
N ALA A 32 14.53 7.47 -1.18
CA ALA A 32 15.61 7.46 -2.17
C ALA A 32 15.20 8.15 -3.48
N HIS A 33 14.63 9.35 -3.37
CA HIS A 33 14.22 10.09 -4.57
C HIS A 33 14.00 11.58 -4.28
N LEU A 34 12.96 11.91 -3.50
CA LEU A 34 12.66 13.31 -3.18
C LEU A 34 13.16 13.71 -1.80
N MET A 35 13.47 12.73 -0.96
CA MET A 35 13.96 12.99 0.39
C MET A 35 15.29 13.76 0.39
N ALA A 36 15.97 13.76 -0.75
CA ALA A 36 17.25 14.45 -0.89
C ALA A 36 17.14 15.62 -1.88
N GLN A 37 15.99 16.29 -1.87
CA GLN A 37 15.74 17.41 -2.79
C GLN A 37 16.53 18.65 -2.36
N ILE A 38 16.34 19.08 -1.11
CA ILE A 38 17.03 20.26 -0.59
C ILE A 38 17.11 20.23 0.94
N PHE A 1 -21.33 -4.03 -8.37
CA PHE A 1 -21.27 -4.30 -6.90
C PHE A 1 -22.29 -3.46 -6.14
N THR A 2 -22.63 -3.88 -4.92
CA THR A 2 -23.59 -3.16 -4.07
C THR A 2 -23.65 -3.75 -2.67
N LEU A 3 -23.62 -2.88 -1.66
CA LEU A 3 -23.66 -3.28 -0.24
C LEU A 3 -22.98 -4.63 0.03
N SER A 4 -21.65 -4.65 -0.06
CA SER A 4 -20.88 -5.89 0.17
C SER A 4 -19.37 -5.63 0.06
N LEU A 5 -18.82 -4.86 1.01
CA LEU A 5 -17.39 -4.55 1.00
C LEU A 5 -16.80 -4.53 2.41
N ASP A 6 -17.23 -5.46 3.25
CA ASP A 6 -16.74 -5.56 4.62
C ASP A 6 -15.32 -6.18 4.66
N VAL A 7 -14.42 -5.54 3.90
CA VAL A 7 -13.01 -5.95 3.79
C VAL A 7 -12.75 -7.38 4.30
N PRO A 8 -13.31 -8.39 3.59
CA PRO A 8 -13.14 -9.81 3.95
C PRO A 8 -11.71 -10.30 3.68
N THR A 9 -11.38 -11.49 4.17
CA THR A 9 -10.05 -12.07 3.98
C THR A 9 -9.57 -11.96 2.54
N ASN A 10 -10.46 -12.21 1.58
CA ASN A 10 -10.13 -12.12 0.15
C ASN A 10 -9.75 -10.69 -0.25
N ILE A 11 -10.24 -9.74 0.49
CA ILE A 11 -9.97 -8.33 0.25
C ILE A 11 -8.90 -7.83 1.22
N MET A 12 -9.07 -8.17 2.50
CA MET A 12 -8.14 -7.78 3.54
C MET A 12 -6.71 -8.21 3.16
N ASN A 13 -6.55 -9.47 2.75
CA ASN A 13 -5.25 -9.98 2.34
C ASN A 13 -4.66 -9.10 1.24
N LEU A 14 -5.49 -8.79 0.24
CA LEU A 14 -5.08 -7.93 -0.86
C LEU A 14 -4.81 -6.51 -0.35
N LEU A 15 -5.78 -5.96 0.39
CA LEU A 15 -5.64 -4.62 0.94
C LEU A 15 -4.37 -4.53 1.79
N PHE A 16 -4.19 -5.49 2.69
CA PHE A 16 -3.01 -5.55 3.55
C PHE A 16 -1.74 -5.59 2.72
N ASN A 17 -1.77 -6.38 1.64
CA ASN A 17 -0.62 -6.51 0.75
C ASN A 17 -0.43 -5.24 -0.08
N ILE A 18 -1.51 -4.73 -0.65
CA ILE A 18 -1.45 -3.50 -1.45
C ILE A 18 -0.79 -2.39 -0.63
N ALA A 19 -1.42 -2.03 0.49
CA ALA A 19 -0.85 -1.02 1.39
C ALA A 19 0.59 -1.38 1.74
N LYS A 20 0.84 -2.69 1.91
CA LYS A 20 2.17 -3.20 2.23
C LYS A 20 3.18 -2.81 1.16
N ALA A 21 2.93 -3.21 -0.08
CA ALA A 21 3.83 -2.91 -1.17
C ALA A 21 3.76 -1.44 -1.59
N LYS A 22 2.56 -0.85 -1.52
CA LYS A 22 2.35 0.55 -1.89
C LYS A 22 3.12 1.47 -0.95
N ASN A 23 3.07 1.20 0.35
CA ASN A 23 3.78 2.02 1.32
C ASN A 23 5.29 1.85 1.19
N LEU A 24 5.75 0.61 1.00
CA LEU A 24 7.17 0.33 0.83
C LEU A 24 7.72 1.09 -0.37
N ARG A 25 7.10 0.88 -1.51
CA ARG A 25 7.48 1.54 -2.76
C ARG A 25 7.37 3.06 -2.64
N ALA A 26 6.31 3.53 -1.97
CA ALA A 26 6.11 4.96 -1.78
C ALA A 26 7.19 5.53 -0.86
N GLN A 27 7.46 4.81 0.22
CA GLN A 27 8.47 5.25 1.18
C GLN A 27 9.89 5.04 0.66
N ALA A 28 10.04 4.11 -0.28
CA ALA A 28 11.33 3.82 -0.87
C ALA A 28 11.58 4.70 -2.10
N ALA A 29 10.61 4.72 -3.01
CA ALA A 29 10.72 5.51 -4.24
C ALA A 29 10.42 7.01 -4.02
N ALA A 30 9.69 7.36 -2.96
CA ALA A 30 9.36 8.77 -2.72
C ALA A 30 9.99 9.35 -1.46
N ASN A 31 10.46 8.49 -0.57
CA ASN A 31 11.10 8.94 0.66
C ASN A 31 12.58 8.54 0.73
N ALA A 32 12.85 7.24 0.64
CA ALA A 32 14.23 6.74 0.70
C ALA A 32 15.02 7.05 -0.58
N HIS A 33 14.34 7.40 -1.65
CA HIS A 33 14.99 7.72 -2.94
C HIS A 33 16.04 8.84 -2.78
N LEU A 34 15.83 9.73 -1.81
CA LEU A 34 16.77 10.83 -1.57
C LEU A 34 17.71 10.55 -0.39
N MET A 35 17.67 9.32 0.13
CA MET A 35 18.54 8.94 1.26
C MET A 35 19.73 8.09 0.80
N ALA A 36 19.77 7.73 -0.48
CA ALA A 36 20.86 6.92 -1.03
C ALA A 36 20.99 7.12 -2.55
N GLN A 37 21.09 8.38 -2.97
CA GLN A 37 21.21 8.71 -4.39
C GLN A 37 22.34 9.71 -4.63
N ILE A 38 22.13 10.95 -4.15
CA ILE A 38 23.10 12.04 -4.30
C ILE A 38 23.06 12.68 -5.69
N PHE A 1 -13.90 11.10 -2.96
CA PHE A 1 -13.87 9.64 -3.27
C PHE A 1 -15.27 9.04 -3.33
N THR A 2 -15.35 7.76 -3.68
CA THR A 2 -16.63 7.06 -3.77
C THR A 2 -16.78 6.06 -2.62
N LEU A 3 -17.49 4.97 -2.87
CA LEU A 3 -17.70 3.93 -1.86
C LEU A 3 -16.38 3.29 -1.43
N SER A 4 -16.33 2.81 -0.18
CA SER A 4 -15.13 2.18 0.36
C SER A 4 -15.42 1.47 1.69
N LEU A 5 -16.43 0.59 1.68
CA LEU A 5 -16.80 -0.15 2.88
C LEU A 5 -17.00 -1.65 2.59
N ASP A 6 -16.02 -2.25 1.91
CA ASP A 6 -16.08 -3.67 1.58
C ASP A 6 -14.67 -4.27 1.53
N VAL A 7 -14.19 -4.74 2.68
CA VAL A 7 -12.88 -5.34 2.79
C VAL A 7 -12.98 -6.81 3.21
N PRO A 8 -13.42 -7.69 2.29
CA PRO A 8 -13.57 -9.12 2.57
C PRO A 8 -12.24 -9.82 2.79
N THR A 9 -12.28 -11.03 3.38
CA THR A 9 -11.07 -11.81 3.65
C THR A 9 -10.12 -11.82 2.45
N ASN A 10 -10.68 -12.04 1.26
CA ASN A 10 -9.90 -12.07 0.03
C ASN A 10 -9.14 -10.77 -0.15
N ILE A 11 -9.88 -9.70 -0.09
CA ILE A 11 -9.33 -8.35 -0.21
C ILE A 11 -8.43 -8.03 0.99
N MET A 12 -8.88 -8.39 2.19
CA MET A 12 -8.11 -8.17 3.40
C MET A 12 -6.71 -8.80 3.26
N ASN A 13 -6.68 -10.06 2.83
CA ASN A 13 -5.42 -10.77 2.64
C ASN A 13 -4.52 -10.05 1.64
N LEU A 14 -5.07 -9.72 0.47
CA LEU A 14 -4.29 -9.01 -0.54
C LEU A 14 -3.98 -7.59 -0.06
N LEU A 15 -4.98 -6.92 0.52
CA LEU A 15 -4.80 -5.57 1.05
C LEU A 15 -3.66 -5.56 2.07
N PHE A 16 -3.65 -6.55 2.96
CA PHE A 16 -2.61 -6.70 3.97
C PHE A 16 -1.24 -6.58 3.31
N ASN A 17 -1.06 -7.34 2.23
CA ASN A 17 0.18 -7.32 1.47
C ASN A 17 0.28 -6.03 0.67
N ILE A 18 -0.81 -5.64 0.02
CA ILE A 18 -0.86 -4.40 -0.75
C ILE A 18 -0.30 -3.25 0.08
N ALA A 19 -0.89 -3.02 1.25
CA ALA A 19 -0.42 -1.97 2.15
C ALA A 19 1.06 -2.20 2.49
N LYS A 20 1.42 -3.48 2.67
CA LYS A 20 2.79 -3.87 2.98
C LYS A 20 3.74 -3.50 1.84
N ALA A 21 3.33 -3.81 0.61
CA ALA A 21 4.16 -3.49 -0.56
C ALA A 21 4.04 -2.02 -0.96
N LYS A 22 2.83 -1.46 -0.84
CA LYS A 22 2.58 -0.07 -1.19
C LYS A 22 3.41 0.87 -0.32
N ASN A 23 3.45 0.60 0.98
CA ASN A 23 4.22 1.45 1.89
C ASN A 23 5.72 1.36 1.57
N LEU A 24 6.20 0.14 1.28
CA LEU A 24 7.62 -0.06 0.94
C LEU A 24 7.99 0.76 -0.29
N ARG A 25 7.26 0.54 -1.36
CA ARG A 25 7.48 1.25 -2.62
C ARG A 25 7.34 2.77 -2.43
N ALA A 26 6.36 3.18 -1.63
CA ALA A 26 6.16 4.60 -1.36
C ALA A 26 7.28 5.16 -0.48
N GLN A 27 7.63 4.42 0.56
CA GLN A 27 8.69 4.86 1.47
C GLN A 27 10.08 4.74 0.83
N ALA A 28 10.17 3.97 -0.23
CA ALA A 28 11.44 3.79 -0.93
C ALA A 28 11.49 4.64 -2.19
N ALA A 29 10.45 4.54 -3.02
CA ALA A 29 10.39 5.31 -4.26
C ALA A 29 9.97 6.77 -4.00
N ALA A 30 9.37 7.06 -2.84
CA ALA A 30 8.93 8.43 -2.55
C ALA A 30 9.70 9.04 -1.39
N ASN A 31 9.86 8.27 -0.33
CA ASN A 31 10.58 8.74 0.85
C ASN A 31 12.10 8.62 0.65
N ALA A 32 12.54 7.44 0.21
CA ALA A 32 13.96 7.22 -0.04
C ALA A 32 14.37 7.64 -1.46
N HIS A 33 13.77 8.74 -1.94
CA HIS A 33 14.08 9.27 -3.27
C HIS A 33 13.83 10.77 -3.33
N LEU A 34 12.60 11.21 -3.08
CA LEU A 34 12.27 12.64 -3.09
C LEU A 34 13.12 13.41 -2.08
N MET A 35 13.56 12.71 -1.05
CA MET A 35 14.40 13.32 -0.01
C MET A 35 15.88 13.36 -0.43
N ALA A 36 16.18 12.85 -1.64
CA ALA A 36 17.54 12.83 -2.18
C ALA A 36 18.31 11.59 -1.72
N GLN A 37 17.77 10.41 -2.04
CA GLN A 37 18.40 9.15 -1.67
C GLN A 37 18.84 8.38 -2.92
N ILE A 38 17.85 7.98 -3.74
CA ILE A 38 18.09 7.24 -4.98
C ILE A 38 18.35 5.75 -4.73
N PHE A 1 -25.92 -1.34 -1.39
CA PHE A 1 -25.19 -1.43 -0.09
C PHE A 1 -24.77 -2.88 0.19
N THR A 2 -23.70 -3.05 0.98
CA THR A 2 -23.19 -4.39 1.33
C THR A 2 -23.13 -5.32 0.12
N LEU A 3 -22.60 -4.81 -1.00
CA LEU A 3 -22.49 -5.59 -2.22
C LEU A 3 -21.23 -6.46 -2.21
N SER A 4 -21.14 -7.37 -1.24
CA SER A 4 -19.98 -8.26 -1.10
C SER A 4 -18.67 -7.49 -0.98
N LEU A 5 -18.70 -6.39 -0.23
CA LEU A 5 -17.51 -5.55 -0.03
C LEU A 5 -17.34 -5.17 1.44
N ASP A 6 -17.66 -6.11 2.33
CA ASP A 6 -17.56 -5.89 3.76
C ASP A 6 -16.22 -6.40 4.29
N VAL A 7 -15.13 -5.81 3.80
CA VAL A 7 -13.76 -6.18 4.20
C VAL A 7 -13.57 -7.70 4.35
N PRO A 8 -13.84 -8.47 3.28
CA PRO A 8 -13.69 -9.93 3.30
C PRO A 8 -12.22 -10.38 3.24
N THR A 9 -11.99 -11.65 3.55
CA THR A 9 -10.63 -12.22 3.53
C THR A 9 -9.92 -11.95 2.21
N ASN A 10 -10.67 -12.00 1.10
CA ASN A 10 -10.11 -11.74 -0.23
C ASN A 10 -9.79 -10.26 -0.45
N ILE A 11 -10.17 -9.42 0.52
CA ILE A 11 -9.91 -7.99 0.45
C ILE A 11 -8.91 -7.59 1.54
N MET A 12 -9.12 -8.10 2.76
CA MET A 12 -8.24 -7.82 3.87
C MET A 12 -6.78 -8.14 3.49
N ASN A 13 -6.57 -9.31 2.89
CA ASN A 13 -5.24 -9.71 2.45
C ASN A 13 -4.70 -8.72 1.43
N LEU A 14 -5.54 -8.36 0.45
CA LEU A 14 -5.18 -7.40 -0.58
C LEU A 14 -4.82 -6.06 0.06
N LEU A 15 -5.71 -5.55 0.92
CA LEU A 15 -5.47 -4.28 1.61
C LEU A 15 -4.13 -4.33 2.34
N PHE A 16 -3.94 -5.38 3.14
CA PHE A 16 -2.69 -5.57 3.88
C PHE A 16 -1.51 -5.57 2.92
N ASN A 17 -1.67 -6.26 1.79
CA ASN A 17 -0.64 -6.34 0.78
C ASN A 17 -0.44 -4.97 0.11
N ILE A 18 -1.55 -4.35 -0.28
CA ILE A 18 -1.51 -3.02 -0.90
C ILE A 18 -0.72 -2.08 0.00
N ALA A 19 -1.17 -1.92 1.25
CA ALA A 19 -0.46 -1.08 2.20
C ALA A 19 1.00 -1.50 2.31
N LYS A 20 1.24 -2.82 2.23
CA LYS A 20 2.59 -3.36 2.30
C LYS A 20 3.45 -2.90 1.13
N ALA A 21 2.89 -2.92 -0.08
CA ALA A 21 3.62 -2.51 -1.27
C ALA A 21 3.56 -1.00 -1.45
N LYS A 22 2.41 -0.40 -1.13
CA LYS A 22 2.24 1.04 -1.25
C LYS A 22 3.28 1.76 -0.41
N ASN A 23 3.49 1.28 0.82
CA ASN A 23 4.49 1.87 1.70
C ASN A 23 5.89 1.43 1.25
N LEU A 24 6.02 0.16 0.88
CA LEU A 24 7.28 -0.40 0.41
C LEU A 24 7.77 0.30 -0.88
N ARG A 25 6.87 1.01 -1.53
CA ARG A 25 7.21 1.73 -2.76
C ARG A 25 7.26 3.24 -2.49
N ALA A 26 6.25 3.75 -1.80
CA ALA A 26 6.19 5.18 -1.49
C ALA A 26 7.15 5.55 -0.36
N GLN A 27 7.49 4.60 0.51
CA GLN A 27 8.39 4.87 1.62
C GLN A 27 9.74 4.16 1.49
N ALA A 28 9.77 3.06 0.75
CA ALA A 28 11.01 2.31 0.57
C ALA A 28 11.70 2.70 -0.74
N ALA A 29 10.92 3.10 -1.73
CA ALA A 29 11.47 3.51 -3.03
C ALA A 29 11.41 5.03 -3.22
N ALA A 30 10.45 5.70 -2.56
CA ALA A 30 10.30 7.15 -2.70
C ALA A 30 11.02 7.94 -1.59
N ASN A 31 11.55 7.26 -0.58
CA ASN A 31 12.25 7.94 0.51
C ASN A 31 13.64 8.43 0.07
N ALA A 32 14.34 7.62 -0.72
CA ALA A 32 15.68 7.98 -1.19
C ALA A 32 15.64 8.91 -2.41
N HIS A 33 14.49 8.98 -3.06
CA HIS A 33 14.30 9.81 -4.25
C HIS A 33 14.79 11.25 -4.03
N LEU A 34 14.53 11.81 -2.85
CA LEU A 34 14.96 13.18 -2.54
C LEU A 34 16.23 13.20 -1.67
N MET A 35 16.86 12.04 -1.48
CA MET A 35 18.07 11.95 -0.68
C MET A 35 19.31 11.62 -1.53
N ALA A 36 19.09 10.87 -2.59
CA ALA A 36 20.17 10.47 -3.50
C ALA A 36 20.29 11.44 -4.69
N GLN A 37 19.77 12.65 -4.54
CA GLN A 37 19.82 13.66 -5.61
C GLN A 37 21.11 14.48 -5.51
N ILE A 38 21.29 15.17 -4.38
CA ILE A 38 22.48 16.01 -4.14
C ILE A 38 22.37 17.36 -4.87
#